data_5KO0
# 
_entry.id   5KO0 
# 
_audit_conform.dict_name       mmcif_pdbx.dic 
_audit_conform.dict_version    5.387 
_audit_conform.dict_location   http://mmcif.pdb.org/dictionaries/ascii/mmcif_pdbx.dic 
# 
loop_
_database_2.database_id 
_database_2.database_code 
_database_2.pdbx_database_accession 
_database_2.pdbx_DOI 
PDB   5KO0         pdb_00005ko0 10.2210/pdb5ko0/pdb 
WWPDB D_1000222506 ?            ?                   
EMDB  EMD-8273     ?            ?                   
# 
loop_
_pdbx_audit_revision_history.ordinal 
_pdbx_audit_revision_history.data_content_type 
_pdbx_audit_revision_history.major_revision 
_pdbx_audit_revision_history.minor_revision 
_pdbx_audit_revision_history.revision_date 
1 'Structure model' 1 0 2016-12-21 
2 'Structure model' 1 1 2017-09-13 
3 'Structure model' 1 2 2018-04-25 
4 'Structure model' 1 3 2018-06-06 
5 'Structure model' 1 4 2019-09-04 
6 'Structure model' 1 5 2019-11-20 
7 'Structure model' 1 6 2021-06-30 
8 'Structure model' 1 7 2024-03-06 
# 
_pdbx_audit_revision_details.ordinal             1 
_pdbx_audit_revision_details.revision_ordinal    1 
_pdbx_audit_revision_details.data_content_type   'Structure model' 
_pdbx_audit_revision_details.provider            repository 
_pdbx_audit_revision_details.type                'Initial release' 
_pdbx_audit_revision_details.description         ? 
_pdbx_audit_revision_details.details             ? 
# 
loop_
_pdbx_audit_revision_group.ordinal 
_pdbx_audit_revision_group.revision_ordinal 
_pdbx_audit_revision_group.data_content_type 
_pdbx_audit_revision_group.group 
1  2 'Structure model' 'Author supporting evidence' 
2  2 'Structure model' 'Data collection'            
3  3 'Structure model' 'Data collection'            
4  4 'Structure model' 'Data collection'            
5  4 'Structure model' 'Experimental preparation'   
6  4 'Structure model' 'Refinement description'     
7  5 'Structure model' 'Data collection'            
8  5 'Structure model' 'Database references'        
9  6 'Structure model' 'Author supporting evidence' 
10 7 'Structure model' 'Data collection'            
11 8 'Structure model' 'Data collection'            
12 8 'Structure model' 'Database references'        
# 
loop_
_pdbx_audit_revision_category.ordinal 
_pdbx_audit_revision_category.revision_ordinal 
_pdbx_audit_revision_category.data_content_type 
_pdbx_audit_revision_category.category 
1  2 'Structure model' em_software        
2  2 'Structure model' pdbx_audit_support 
3  3 'Structure model' diffrn_source      
4  4 'Structure model' diffrn_radiation   
5  4 'Structure model' exptl_crystal_grow 
6  4 'Structure model' software           
7  5 'Structure model' citation           
8  5 'Structure model' citation_author    
9  6 'Structure model' pdbx_audit_support 
10 7 'Structure model' diffrn_detector    
11 8 'Structure model' chem_comp_atom     
12 8 'Structure model' chem_comp_bond     
13 8 'Structure model' database_2         
# 
loop_
_pdbx_audit_revision_item.ordinal 
_pdbx_audit_revision_item.revision_ordinal 
_pdbx_audit_revision_item.data_content_type 
_pdbx_audit_revision_item.item 
1  2 'Structure model' '_em_software.name'                                
2  2 'Structure model' '_pdbx_audit_support.funding_organization'         
3  3 'Structure model' '_diffrn_source.source'                            
4  4 'Structure model' '_diffrn_radiation.pdbx_monochromatic_or_laue_m_l' 
5  4 'Structure model' '_diffrn_radiation.pdbx_scattering_type'           
6  4 'Structure model' '_exptl_crystal_grow.method'                       
7  4 'Structure model' '_software.classification'                         
8  5 'Structure model' '_citation.country'                                
9  5 'Structure model' '_citation.journal_abbrev'                         
10 5 'Structure model' '_citation.journal_id_CSD'                         
11 5 'Structure model' '_citation.journal_id_ISSN'                        
12 5 'Structure model' '_citation.journal_volume'                         
13 5 'Structure model' '_citation.pdbx_database_id_DOI'                   
14 5 'Structure model' '_citation.pdbx_database_id_PubMed'                
15 5 'Structure model' '_citation.title'                                  
16 5 'Structure model' '_citation.year'                                   
17 6 'Structure model' '_pdbx_audit_support.funding_organization'         
18 7 'Structure model' '_diffrn_detector.detector'                        
19 8 'Structure model' '_database_2.pdbx_DOI'                             
20 8 'Structure model' '_database_2.pdbx_database_accession'              
# 
_pdbx_database_status.status_code                     REL 
_pdbx_database_status.status_code_sf                  REL 
_pdbx_database_status.status_code_mr                  ? 
_pdbx_database_status.entry_id                        5KO0 
_pdbx_database_status.recvd_initial_deposition_date   2016-06-28 
_pdbx_database_status.SG_entry                        N 
_pdbx_database_status.deposit_site                    RCSB 
_pdbx_database_status.process_site                    RCSB 
_pdbx_database_status.status_code_cs                  ? 
_pdbx_database_status.methods_development_category    ? 
_pdbx_database_status.pdb_format_compatible           Y 
_pdbx_database_status.status_code_nmr_data            ? 
# 
loop_
_pdbx_database_related.db_name 
_pdbx_database_related.details 
_pdbx_database_related.db_id 
_pdbx_database_related.content_type 
EMDB . EMD-8273 'associated EM volume' 
EMDB . EMD-8272 'other EM volume'      
PDB  . 5KNZ     unspecified            
# 
loop_
_audit_author.name 
_audit_author.pdbx_ordinal 
'Krotee, P.A.L.'  1  
'Rodriguez, J.A.' 2  
'Sawaya, M.R.'    3  
'Cascio, D.'      4  
'Shi, D.'         5  
'Nannenga, B.L.'  6  
'Hattne, J.'      7  
'Reyes, F.E.'     8  
'Gonen, T.'       9  
'Eisenberg, D.S.' 10 
# 
_citation.abstract                  ? 
_citation.abstract_id_CAS           ? 
_citation.book_id_ISBN              ? 
_citation.book_publisher            ? 
_citation.book_publisher_city       ? 
_citation.book_title                ? 
_citation.coordinate_linkage        ? 
_citation.country                   US 
_citation.database_id_Medline       ? 
_citation.details                   ? 
_citation.id                        primary 
_citation.journal_abbrev            Elife 
_citation.journal_id_ASTM           ? 
_citation.journal_id_CSD            ? 
_citation.journal_id_ISSN           2050-084X 
_citation.journal_full              ? 
_citation.journal_issue             ? 
_citation.journal_volume            6 
_citation.language                  ? 
_citation.page_first                ? 
_citation.page_last                 ? 
_citation.title                     
'Atomic structures of fibrillar segments of hIAPP suggest tightly mated beta-sheets are important for cytotoxicity.' 
_citation.year                      2017 
_citation.database_id_CSD           ? 
_citation.pdbx_database_id_DOI      10.7554/eLife.19273 
_citation.pdbx_database_id_PubMed   28045370 
_citation.unpublished_flag          ? 
# 
loop_
_citation_author.citation_id 
_citation_author.name 
_citation_author.ordinal 
_citation_author.identifier_ORCID 
primary 'Krotee, P.'       1  0000-0002-9582-658X 
primary 'Rodriguez, J.A.'  2  ?                   
primary 'Sawaya, M.R.'     3  0000-0003-0874-9043 
primary 'Cascio, D.'       4  0000-0002-3877-6803 
primary 'Reyes, F.E.'      5  ?                   
primary 'Shi, D.'          6  ?                   
primary 'Hattne, J.'       7  0000-0002-8936-0912 
primary 'Nannenga, B.L.'   8  ?                   
primary 'Oskarsson, M.E.'  9  ?                   
primary 'Philipp, S.'      10 ?                   
primary 'Griner, S.'       11 ?                   
primary 'Jiang, L.'        12 ?                   
primary 'Glabe, C.G.'      13 ?                   
primary 'Westermark, G.T.' 14 ?                   
primary 'Gonen, T.'        15 ?                   
primary 'Eisenberg, D.S.'  16 ?                   
# 
loop_
_entity.id 
_entity.type 
_entity.src_method 
_entity.pdbx_description 
_entity.formula_weight 
_entity.pdbx_number_of_molecules 
_entity.pdbx_ec 
_entity.pdbx_mutation 
_entity.pdbx_fragment 
_entity.details 
1 polymer     syn 'hIAPP(15-25)WT'  1193.289 2 ? ? ? 'islet amyloid' 
2 non-polymer syn 'THIOCYANATE ION' 58.082   1 ? ? ? ?               
3 water       nat water             18.015   6 ? ? ? ?               
# 
_entity_name_com.entity_id   1 
_entity_name_com.name        'Amylin, Diabetes-associated peptide, DAP, Insulinoma amyloid peptide' 
# 
_entity_poly.entity_id                      1 
_entity_poly.type                           'polypeptide(L)' 
_entity_poly.nstd_linkage                   no 
_entity_poly.nstd_monomer                   no 
_entity_poly.pdbx_seq_one_letter_code       FLVHSSNNFGA 
_entity_poly.pdbx_seq_one_letter_code_can   FLVHSSNNFGA 
_entity_poly.pdbx_strand_id                 A,B 
_entity_poly.pdbx_target_identifier         ? 
# 
loop_
_pdbx_entity_nonpoly.entity_id 
_pdbx_entity_nonpoly.name 
_pdbx_entity_nonpoly.comp_id 
2 'THIOCYANATE ION' SCN 
3 water             HOH 
# 
loop_
_entity_poly_seq.entity_id 
_entity_poly_seq.num 
_entity_poly_seq.mon_id 
_entity_poly_seq.hetero 
1 1  PHE n 
1 2  LEU n 
1 3  VAL n 
1 4  HIS n 
1 5  SER n 
1 6  SER n 
1 7  ASN n 
1 8  ASN n 
1 9  PHE n 
1 10 GLY n 
1 11 ALA n 
# 
_pdbx_entity_src_syn.entity_id              1 
_pdbx_entity_src_syn.pdbx_src_id            1 
_pdbx_entity_src_syn.pdbx_alt_source_flag   sample 
_pdbx_entity_src_syn.pdbx_beg_seq_num       1 
_pdbx_entity_src_syn.pdbx_end_seq_num       11 
_pdbx_entity_src_syn.organism_scientific    'Homo sapiens' 
_pdbx_entity_src_syn.organism_common_name   Human 
_pdbx_entity_src_syn.ncbi_taxonomy_id       9606 
_pdbx_entity_src_syn.details                ? 
# 
loop_
_chem_comp.id 
_chem_comp.type 
_chem_comp.mon_nstd_flag 
_chem_comp.name 
_chem_comp.pdbx_synonyms 
_chem_comp.formula 
_chem_comp.formula_weight 
ALA 'L-peptide linking' y ALANINE           ? 'C3 H7 N O2'     89.093  
ASN 'L-peptide linking' y ASPARAGINE        ? 'C4 H8 N2 O3'    132.118 
GLY 'peptide linking'   y GLYCINE           ? 'C2 H5 N O2'     75.067  
HIS 'L-peptide linking' y HISTIDINE         ? 'C6 H10 N3 O2 1' 156.162 
HOH non-polymer         . WATER             ? 'H2 O'           18.015  
LEU 'L-peptide linking' y LEUCINE           ? 'C6 H13 N O2'    131.173 
PHE 'L-peptide linking' y PHENYLALANINE     ? 'C9 H11 N O2'    165.189 
SCN non-polymer         . 'THIOCYANATE ION' ? 'C N S -1'       58.082  
SER 'L-peptide linking' y SERINE            ? 'C3 H7 N O3'     105.093 
VAL 'L-peptide linking' y VALINE            ? 'C5 H11 N O2'    117.146 
# 
loop_
_pdbx_poly_seq_scheme.asym_id 
_pdbx_poly_seq_scheme.entity_id 
_pdbx_poly_seq_scheme.seq_id 
_pdbx_poly_seq_scheme.mon_id 
_pdbx_poly_seq_scheme.ndb_seq_num 
_pdbx_poly_seq_scheme.pdb_seq_num 
_pdbx_poly_seq_scheme.auth_seq_num 
_pdbx_poly_seq_scheme.pdb_mon_id 
_pdbx_poly_seq_scheme.auth_mon_id 
_pdbx_poly_seq_scheme.pdb_strand_id 
_pdbx_poly_seq_scheme.pdb_ins_code 
_pdbx_poly_seq_scheme.hetero 
A 1 1  PHE 1  15 15 PHE PHE A . n 
A 1 2  LEU 2  16 16 LEU LEU A . n 
A 1 3  VAL 3  17 17 VAL VAL A . n 
A 1 4  HIS 4  18 18 HIS HIS A . n 
A 1 5  SER 5  19 19 SER SER A . n 
A 1 6  SER 6  20 20 SER SER A . n 
A 1 7  ASN 7  21 21 ASN ASN A . n 
A 1 8  ASN 8  22 22 ASN ASN A . n 
A 1 9  PHE 9  23 23 PHE PHE A . n 
A 1 10 GLY 10 24 24 GLY GLY A . n 
A 1 11 ALA 11 25 25 ALA ALA A . n 
B 1 1  PHE 1  15 15 PHE PHE B . n 
B 1 2  LEU 2  16 16 LEU LEU B . n 
B 1 3  VAL 3  17 17 VAL VAL B . n 
B 1 4  HIS 4  18 18 HIS HIS B . n 
B 1 5  SER 5  19 19 SER SER B . n 
B 1 6  SER 6  20 20 SER SER B . n 
B 1 7  ASN 7  21 21 ASN ASN B . n 
B 1 8  ASN 8  22 22 ASN ASN B . n 
B 1 9  PHE 9  23 23 PHE PHE B . n 
B 1 10 GLY 10 24 24 GLY GLY B . n 
B 1 11 ALA 11 25 25 ALA ALA B . n 
# 
loop_
_pdbx_nonpoly_scheme.asym_id 
_pdbx_nonpoly_scheme.entity_id 
_pdbx_nonpoly_scheme.mon_id 
_pdbx_nonpoly_scheme.ndb_seq_num 
_pdbx_nonpoly_scheme.pdb_seq_num 
_pdbx_nonpoly_scheme.auth_seq_num 
_pdbx_nonpoly_scheme.pdb_mon_id 
_pdbx_nonpoly_scheme.auth_mon_id 
_pdbx_nonpoly_scheme.pdb_strand_id 
_pdbx_nonpoly_scheme.pdb_ins_code 
C 2 SCN 1 101 1 SCN SCN B . 
D 3 HOH 1 101 1 HOH HOH A . 
D 3 HOH 2 102 4 HOH HOH A . 
E 3 HOH 1 201 2 HOH HOH B . 
E 3 HOH 2 202 3 HOH HOH B . 
E 3 HOH 3 203 6 HOH HOH B . 
E 3 HOH 4 204 5 HOH HOH B . 
# 
loop_
_software.citation_id 
_software.classification 
_software.compiler_name 
_software.compiler_version 
_software.contact_author 
_software.contact_author_email 
_software.date 
_software.description 
_software.dependencies 
_software.hardware 
_software.language 
_software.location 
_software.mods 
_software.name 
_software.os 
_software.os_version 
_software.type 
_software.version 
_software.pdbx_ordinal 
? 'data scaling'    ? ? 'Wolfgang Kabsch' ?                           ?                          ? ? ? ?   
http://www.mpimf-heidelberg.mpg.de/~kabsch/xds/html_doc/xscale_program.html ? XSCALE      ? ? package .     1 
? phasing           ? ? 'Randy J. Read'   cimr-phaser@lists.cam.ac.uk 'Tue May 20 11:52:06 2014' ? ? ? ?   
http://www-structmed.cimr.cam.ac.uk/phaser/                                 ? PHASER      ? ? program 2.5.6 2 
? refinement        ? ? 'Paul D. Adams'   PDAdams@lbl.gov             ?                          ? ? ? C++ 
http://www.phenix-online.org/                                               ? PHENIX      ? ? package .     3 
? 'data extraction' ? ? PDB               deposit@deposit.rcsb.org    'June. 20, 2015'           ? ? ? C++ 
http://sw-tools.pdb.org/apps/PDB_EXTRACT/                                   ? PDB_EXTRACT ? ? package 3.20  4 
# 
_cell.angle_alpha                  62.840 
_cell.angle_alpha_esd              ? 
_cell.angle_beta                   88.900 
_cell.angle_beta_esd               ? 
_cell.angle_gamma                  87.600 
_cell.angle_gamma_esd              ? 
_cell.entry_id                     5KO0 
_cell.details                      ? 
_cell.formula_units_Z              ? 
_cell.length_a                     11.680 
_cell.length_a_esd                 ? 
_cell.length_b                     18.180 
_cell.length_b_esd                 ? 
_cell.length_c                     19.930 
_cell.length_c_esd                 ? 
_cell.volume                       ? 
_cell.volume_esd                   ? 
_cell.Z_PDB                        2 
_cell.reciprocal_angle_alpha       ? 
_cell.reciprocal_angle_beta        ? 
_cell.reciprocal_angle_gamma       ? 
_cell.reciprocal_angle_alpha_esd   ? 
_cell.reciprocal_angle_beta_esd    ? 
_cell.reciprocal_angle_gamma_esd   ? 
_cell.reciprocal_length_a          ? 
_cell.reciprocal_length_b          ? 
_cell.reciprocal_length_c          ? 
_cell.reciprocal_length_a_esd      ? 
_cell.reciprocal_length_b_esd      ? 
_cell.reciprocal_length_c_esd      ? 
_cell.pdbx_unique_axis             ? 
# 
_symmetry.entry_id                         5KO0 
_symmetry.cell_setting                     ? 
_symmetry.Int_Tables_number                1 
_symmetry.space_group_name_Hall            ? 
_symmetry.space_group_name_H-M             'P 1' 
_symmetry.pdbx_full_space_group_name_H-M   ? 
# 
_exptl.absorpt_coefficient_mu     ? 
_exptl.absorpt_correction_T_max   ? 
_exptl.absorpt_correction_T_min   ? 
_exptl.absorpt_correction_type    ? 
_exptl.absorpt_process_details    ? 
_exptl.entry_id                   5KO0 
_exptl.crystals_number            ? 
_exptl.details                    ? 
_exptl.method                     'ELECTRON CRYSTALLOGRAPHY' 
_exptl.method_details             ? 
# 
_exptl_crystal.colour                      ? 
_exptl_crystal.density_diffrn              ? 
_exptl_crystal.density_Matthews            ? 
_exptl_crystal.density_method              ? 
_exptl_crystal.density_percent_sol         ? 
_exptl_crystal.description                 ? 
_exptl_crystal.F_000                       ? 
_exptl_crystal.id                          1 
_exptl_crystal.preparation                 ? 
_exptl_crystal.size_max                    ? 
_exptl_crystal.size_mid                    ? 
_exptl_crystal.size_min                    ? 
_exptl_crystal.size_rad                    ? 
_exptl_crystal.colour_lustre               ? 
_exptl_crystal.colour_modifier             ? 
_exptl_crystal.colour_primary              ? 
_exptl_crystal.density_meas                ? 
_exptl_crystal.density_meas_esd            ? 
_exptl_crystal.density_meas_gt             ? 
_exptl_crystal.density_meas_lt             ? 
_exptl_crystal.density_meas_temp           ? 
_exptl_crystal.density_meas_temp_esd       ? 
_exptl_crystal.density_meas_temp_gt        ? 
_exptl_crystal.density_meas_temp_lt        ? 
_exptl_crystal.pdbx_crystal_image_url      ? 
_exptl_crystal.pdbx_crystal_image_format   ? 
_exptl_crystal.pdbx_mosaicity              ? 
_exptl_crystal.pdbx_mosaicity_esd          ? 
# 
_exptl_crystal_grow.apparatus       ? 
_exptl_crystal_grow.atmosphere      ? 
_exptl_crystal_grow.crystal_id      1 
_exptl_crystal_grow.details         ? 
_exptl_crystal_grow.method          'VAPOR DIFFUSION, HANGING DROP' 
_exptl_crystal_grow.method_ref      ? 
_exptl_crystal_grow.pH              ? 
_exptl_crystal_grow.pressure        ? 
_exptl_crystal_grow.pressure_esd    ? 
_exptl_crystal_grow.seeding         ? 
_exptl_crystal_grow.seeding_ref     ? 
_exptl_crystal_grow.temp            277 
_exptl_crystal_grow.temp_details    ? 
_exptl_crystal_grow.temp_esd        ? 
_exptl_crystal_grow.time            ? 
_exptl_crystal_grow.pdbx_details    
;2 uL 20 mg/mL FLVHSSNNFGA + 1 uL 35% MPD, 0.35 M sodium thiocyanate against a reservoir of 35% MPD, 0.35 M sodium thiocyanate. Crystals appeared within several hours.
;
_exptl_crystal_grow.pdbx_pH_range   ? 
# 
_diffrn.ambient_environment              ? 
_diffrn.ambient_temp                     100 
_diffrn.ambient_temp_details             ? 
_diffrn.ambient_temp_esd                 ? 
_diffrn.crystal_id                       1 
_diffrn.crystal_support                  ? 
_diffrn.crystal_treatment                ? 
_diffrn.details                          ? 
_diffrn.id                               1 
_diffrn.ambient_pressure                 ? 
_diffrn.ambient_pressure_esd             ? 
_diffrn.ambient_pressure_gt              ? 
_diffrn.ambient_pressure_lt              ? 
_diffrn.ambient_temp_gt                  ? 
_diffrn.ambient_temp_lt                  ? 
_diffrn.pdbx_serial_crystal_experiment   ? 
# 
_diffrn_detector.details                      ? 
_diffrn_detector.detector                     CMOS 
_diffrn_detector.diffrn_id                    1 
_diffrn_detector.type                         'TVIPS F416 CMOS CAMERA' 
_diffrn_detector.area_resol_mean              ? 
_diffrn_detector.dtime                        ? 
_diffrn_detector.pdbx_frames_total            ? 
_diffrn_detector.pdbx_collection_time_total   ? 
_diffrn_detector.pdbx_collection_date         2014-11-04 
# 
_diffrn_radiation.collimation                      ? 
_diffrn_radiation.diffrn_id                        1 
_diffrn_radiation.filter_edge                      ? 
_diffrn_radiation.inhomogeneity                    ? 
_diffrn_radiation.monochromator                    ? 
_diffrn_radiation.polarisn_norm                    ? 
_diffrn_radiation.polarisn_ratio                   ? 
_diffrn_radiation.probe                            ? 
_diffrn_radiation.type                             ? 
_diffrn_radiation.xray_symbol                      ? 
_diffrn_radiation.wavelength_id                    1 
_diffrn_radiation.pdbx_monochromatic_or_laue_m_l   M 
_diffrn_radiation.pdbx_wavelength_list             ? 
_diffrn_radiation.pdbx_wavelength                  ? 
_diffrn_radiation.pdbx_diffrn_protocol             'SINGLE WAVELENGTH' 
_diffrn_radiation.pdbx_analyzer                    ? 
_diffrn_radiation.pdbx_scattering_type             electron 
# 
_diffrn_radiation_wavelength.id           1 
_diffrn_radiation_wavelength.wavelength   0.0251 
_diffrn_radiation_wavelength.wt           1.0 
# 
_diffrn_source.current                     ? 
_diffrn_source.details                     ? 
_diffrn_source.diffrn_id                   1 
_diffrn_source.power                       ? 
_diffrn_source.size                        ? 
_diffrn_source.source                      'ELECTRON MICROSCOPE' 
_diffrn_source.target                      ? 
_diffrn_source.type                        'TECNAI F20 TEM' 
_diffrn_source.voltage                     ? 
_diffrn_source.take-off_angle              ? 
_diffrn_source.pdbx_wavelength_list        0.0251 
_diffrn_source.pdbx_wavelength             ? 
_diffrn_source.pdbx_synchrotron_beamline   ? 
_diffrn_source.pdbx_synchrotron_site       ? 
# 
_reflns.B_iso_Wilson_estimate            7.760 
_reflns.entry_id                         5KO0 
_reflns.data_reduction_details           ? 
_reflns.data_reduction_method            ? 
_reflns.d_resolution_high                1.400 
_reflns.d_resolution_low                 17.733 
_reflns.details                          ? 
_reflns.limit_h_max                      ? 
_reflns.limit_h_min                      ? 
_reflns.limit_k_max                      ? 
_reflns.limit_k_min                      ? 
_reflns.limit_l_max                      ? 
_reflns.limit_l_min                      ? 
_reflns.number_all                       ? 
_reflns.number_obs                       2180 
_reflns.observed_criterion               ? 
_reflns.observed_criterion_F_max         ? 
_reflns.observed_criterion_F_min         ? 
_reflns.observed_criterion_I_max         ? 
_reflns.observed_criterion_I_min         ? 
_reflns.observed_criterion_sigma_F       ? 
_reflns.observed_criterion_sigma_I       -3.000 
_reflns.percent_possible_obs             75.000 
_reflns.R_free_details                   ? 
_reflns.Rmerge_F_all                     ? 
_reflns.Rmerge_F_obs                     ? 
_reflns.Friedel_coverage                 ? 
_reflns.number_gt                        ? 
_reflns.threshold_expression             ? 
_reflns.pdbx_redundancy                  ? 
_reflns.pdbx_Rmerge_I_obs                0.193 
_reflns.pdbx_Rmerge_I_all                ? 
_reflns.pdbx_Rsym_value                  ? 
_reflns.pdbx_netI_over_av_sigmaI         ? 
_reflns.pdbx_netI_over_sigmaI            4.330 
_reflns.pdbx_res_netI_over_av_sigmaI_2   ? 
_reflns.pdbx_res_netI_over_sigmaI_2      ? 
_reflns.pdbx_chi_squared                 0.847 
_reflns.pdbx_scaling_rejects             ? 
_reflns.pdbx_d_res_high_opt              ? 
_reflns.pdbx_d_res_low_opt               ? 
_reflns.pdbx_d_res_opt_method            ? 
_reflns.phase_calculation_details        ? 
_reflns.pdbx_Rrim_I_all                  0.215 
_reflns.pdbx_Rpim_I_all                  ? 
_reflns.pdbx_d_opt                       ? 
_reflns.pdbx_number_measured_all         9014 
_reflns.pdbx_diffrn_id                   1 
_reflns.pdbx_ordinal                     1 
_reflns.pdbx_CC_half                     0.985 
_reflns.pdbx_R_split                     ? 
# 
loop_
_reflns_shell.d_res_high 
_reflns_shell.d_res_low 
_reflns_shell.meanI_over_sigI_all 
_reflns_shell.meanI_over_sigI_obs 
_reflns_shell.number_measured_all 
_reflns_shell.number_measured_obs 
_reflns_shell.number_possible 
_reflns_shell.number_unique_all 
_reflns_shell.number_unique_obs 
_reflns_shell.percent_possible_all 
_reflns_shell.percent_possible_obs 
_reflns_shell.Rmerge_F_all 
_reflns_shell.Rmerge_F_obs 
_reflns_shell.Rmerge_I_all 
_reflns_shell.Rmerge_I_obs 
_reflns_shell.meanI_over_sigI_gt 
_reflns_shell.meanI_over_uI_all 
_reflns_shell.meanI_over_uI_gt 
_reflns_shell.number_measured_gt 
_reflns_shell.number_unique_gt 
_reflns_shell.percent_possible_gt 
_reflns_shell.Rmerge_F_gt 
_reflns_shell.Rmerge_I_gt 
_reflns_shell.pdbx_redundancy 
_reflns_shell.pdbx_Rsym_value 
_reflns_shell.pdbx_chi_squared 
_reflns_shell.pdbx_netI_over_sigmaI_all 
_reflns_shell.pdbx_netI_over_sigmaI_obs 
_reflns_shell.pdbx_Rrim_I_all 
_reflns_shell.pdbx_Rpim_I_all 
_reflns_shell.pdbx_rejects 
_reflns_shell.pdbx_ordinal 
_reflns_shell.pdbx_diffrn_id 
_reflns_shell.pdbx_CC_half 
_reflns_shell.pdbx_R_split 
1.400 1.440  ? 1.100  ? 153 238 ? 84  35.300 ? ? ? ? 0.505 ? ? ? ? ? ? ? ? ? ? ? ? ? 0.648 ? 0 1  1 ?     ? 
1.440 1.470  ? 1.200  ? 240 189 ? 119 63.000 ? ? ? ? 0.559 ? ? ? ? ? ? ? ? ? ? ? ? ? 0.710 ? 0 2  1 ?     ? 
1.470 1.520  ? 1.720  ? 344 217 ? 144 66.400 ? ? ? ? 0.409 ? ? ? ? ? ? ? ? ? ? ? ? ? 0.512 ? 0 3  1 0.644 ? 
1.520 1.560  ? 1.920  ? 389 180 ? 140 77.800 ? ? ? ? 0.279 ? ? ? ? ? ? ? ? ? ? ? ? ? 0.329 ? 0 4  1 0.956 ? 
1.560 1.620  ? 2.320  ? 586 207 ? 166 80.200 ? ? ? ? 0.415 ? ? ? ? ? ? ? ? ? ? ? ? ? 0.472 ? 0 5  1 0.841 ? 
1.620 1.670  ? 2.560  ? 615 188 ? 152 80.900 ? ? ? ? 0.389 ? ? ? ? ? ? ? ? ? ? ? ? ? 0.442 ? 0 6  1 0.896 ? 
1.670 1.730  ? 2.540  ? 496 152 ? 124 81.600 ? ? ? ? 0.460 ? ? ? ? ? ? ? ? ? ? ? ? ? 0.521 ? 0 7  1 0.842 ? 
1.730 1.810  ? 3.230  ? 634 185 ? 151 81.600 ? ? ? ? 0.321 ? ? ? ? ? ? ? ? ? ? ? ? ? 0.364 ? 0 8  1 0.916 ? 
1.810 1.890  ? 3.950  ? 652 168 ? 138 82.100 ? ? ? ? 0.283 ? ? ? ? ? ? ? ? ? ? ? ? ? 0.315 ? 0 9  1 0.961 ? 
1.890 1.980  ? 4.770  ? 672 160 ? 132 82.500 ? ? ? ? 0.270 ? ? ? ? ? ? ? ? ? ? ? ? ? 0.302 ? 0 10 1 0.909 ? 
1.980 2.090  ? 5.830  ? 593 143 ? 121 84.600 ? ? ? ? 0.202 ? ? ? ? ? ? ? ? ? ? ? ? ? 0.221 ? 0 11 1 0.933 ? 
2.090 2.210  ? 6.950  ? 646 149 ? 123 82.600 ? ? ? ? 0.225 ? ? ? ? ? ? ? ? ? ? ? ? ? 0.246 ? 0 12 1 0.976 ? 
2.210 2.360  ? 6.040  ? 585 134 ? 115 85.800 ? ? ? ? 0.184 ? ? ? ? ? ? ? ? ? ? ? ? ? 0.202 ? 0 13 1 0.979 ? 
2.360 2.550  ? 6.100  ? 505 125 ? 99  79.200 ? ? ? ? 0.261 ? ? ? ? ? ? ? ? ? ? ? ? ? 0.290 ? 0 14 1 0.900 ? 
2.550 2.800  ? 6.470  ? 458 109 ? 87  79.800 ? ? ? ? 0.242 ? ? ? ? ? ? ? ? ? ? ? ? ? 0.267 ? 0 15 1 0.951 ? 
2.800 3.130  ? 6.950  ? 407 100 ? 83  83.000 ? ? ? ? 0.217 ? ? ? ? ? ? ? ? ? ? ? ? ? 0.245 ? 0 16 1 0.979 ? 
3.130 3.610  ? 9.230  ? 369 91  ? 73  80.200 ? ? ? ? 0.158 ? ? ? ? ? ? ? ? ? ? ? ? ? 0.175 ? 0 17 1 0.977 ? 
3.610 4.420  ? 10.190 ? 337 81  ? 61  75.300 ? ? ? ? 0.133 ? ? ? ? ? ? ? ? ? ? ? ? ? 0.146 ? 0 18 1 0.983 ? 
4.420 6.260  ? 9.930  ? 237 59  ? 45  76.300 ? ? ? ? 0.129 ? ? ? ? ? ? ? ? ? ? ? ? ? 0.140 ? 0 19 1 0.997 ? 
6.260 17.733 ? 8.300  ? 96  32  ? 23  71.900 ? ? ? ? 0.140 ? ? ? ? ? ? ? ? ? ? ? ? ? 0.158 ? 0 20 1 0.984 ? 
# 
_refine.aniso_B[1][1]                            ? 
_refine.aniso_B[1][2]                            ? 
_refine.aniso_B[1][3]                            ? 
_refine.aniso_B[2][2]                            ? 
_refine.aniso_B[2][3]                            ? 
_refine.aniso_B[3][3]                            ? 
_refine.B_iso_max                                21.980 
_refine.B_iso_mean                               9.0302 
_refine.B_iso_min                                1.100 
_refine.correlation_coeff_Fo_to_Fc               ? 
_refine.correlation_coeff_Fo_to_Fc_free          ? 
_refine.details                                  ? 
_refine.diff_density_max                         ? 
_refine.diff_density_max_esd                     ? 
_refine.diff_density_min                         ? 
_refine.diff_density_min_esd                     ? 
_refine.diff_density_rms                         ? 
_refine.diff_density_rms_esd                     ? 
_refine.entry_id                                 5KO0 
_refine.pdbx_refine_id                           'ELECTRON CRYSTALLOGRAPHY' 
_refine.ls_abs_structure_details                 ? 
_refine.ls_abs_structure_Flack                   ? 
_refine.ls_abs_structure_Flack_esd               ? 
_refine.ls_abs_structure_Rogers                  ? 
_refine.ls_abs_structure_Rogers_esd              ? 
_refine.ls_d_res_high                            1.400 
_refine.ls_d_res_low                             9.7490 
_refine.ls_extinction_coef                       ? 
_refine.ls_extinction_coef_esd                   ? 
_refine.ls_extinction_expression                 ? 
_refine.ls_extinction_method                     ? 
_refine.ls_goodness_of_fit_all                   ? 
_refine.ls_goodness_of_fit_all_esd               ? 
_refine.ls_goodness_of_fit_obs                   ? 
_refine.ls_goodness_of_fit_obs_esd               ? 
_refine.ls_hydrogen_treatment                    ? 
_refine.ls_matrix_type                           ? 
_refine.ls_number_constraints                    ? 
_refine.ls_number_parameters                     ? 
_refine.ls_number_reflns_all                     ? 
_refine.ls_number_reflns_obs                     2177 
_refine.ls_number_reflns_R_free                  218 
_refine.ls_number_reflns_R_work                  ? 
_refine.ls_number_restraints                     ? 
_refine.ls_percent_reflns_obs                    75.5600 
_refine.ls_percent_reflns_R_free                 10.0100 
_refine.ls_R_factor_all                          ? 
_refine.ls_R_factor_obs                          0.2287 
_refine.ls_R_factor_R_free                       0.2590 
_refine.ls_R_factor_R_free_error                 ? 
_refine.ls_R_factor_R_free_error_details         ? 
_refine.ls_R_factor_R_work                       0.2247 
_refine.ls_R_Fsqd_factor_obs                     ? 
_refine.ls_R_I_factor_obs                        ? 
_refine.ls_redundancy_reflns_all                 ? 
_refine.ls_redundancy_reflns_obs                 ? 
_refine.ls_restrained_S_all                      ? 
_refine.ls_restrained_S_obs                      ? 
_refine.ls_shift_over_esd_max                    ? 
_refine.ls_shift_over_esd_mean                   ? 
_refine.ls_structure_factor_coef                 ? 
_refine.ls_weighting_details                     ? 
_refine.ls_weighting_scheme                      ? 
_refine.ls_wR_factor_all                         ? 
_refine.ls_wR_factor_obs                         ? 
_refine.ls_wR_factor_R_free                      ? 
_refine.ls_wR_factor_R_work                      ? 
_refine.occupancy_max                            ? 
_refine.occupancy_min                            ? 
_refine.solvent_model_details                    ? 
_refine.solvent_model_param_bsol                 ? 
_refine.solvent_model_param_ksol                 ? 
_refine.ls_R_factor_gt                           ? 
_refine.ls_goodness_of_fit_gt                    ? 
_refine.ls_goodness_of_fit_ref                   ? 
_refine.ls_shift_over_su_max                     ? 
_refine.ls_shift_over_su_max_lt                  ? 
_refine.ls_shift_over_su_mean                    ? 
_refine.ls_shift_over_su_mean_lt                 ? 
_refine.pdbx_ls_sigma_I                          ? 
_refine.pdbx_ls_sigma_F                          2.010 
_refine.pdbx_ls_sigma_Fsqd                       ? 
_refine.pdbx_data_cutoff_high_absF               ? 
_refine.pdbx_data_cutoff_high_rms_absF           ? 
_refine.pdbx_data_cutoff_low_absF                ? 
_refine.pdbx_isotropic_thermal_model             ? 
_refine.pdbx_ls_cross_valid_method               NONE 
_refine.pdbx_method_to_determine_struct          'MOLECULAR REPLACEMENT' 
_refine.pdbx_starting_model                      ? 
_refine.pdbx_stereochemistry_target_values       ? 
_refine.pdbx_R_Free_selection_details            ? 
_refine.pdbx_stereochem_target_val_spec_case     ? 
_refine.pdbx_overall_ESU_R                       ? 
_refine.pdbx_overall_ESU_R_Free                  ? 
_refine.pdbx_solvent_vdw_probe_radii             1.1100 
_refine.pdbx_solvent_ion_probe_radii             ? 
_refine.pdbx_solvent_shrinkage_radii             0.9000 
_refine.pdbx_real_space_R                        ? 
_refine.pdbx_density_correlation                 ? 
_refine.pdbx_pd_number_of_powder_patterns        ? 
_refine.pdbx_pd_number_of_points                 ? 
_refine.pdbx_pd_meas_number_of_points            ? 
_refine.pdbx_pd_proc_ls_prof_R_factor            ? 
_refine.pdbx_pd_proc_ls_prof_wR_factor           ? 
_refine.pdbx_pd_Marquardt_correlation_coeff      ? 
_refine.pdbx_pd_Fsqrd_R_factor                   ? 
_refine.pdbx_pd_ls_matrix_band_width             ? 
_refine.pdbx_overall_phase_error                 29.8300 
_refine.pdbx_overall_SU_R_free_Cruickshank_DPI   ? 
_refine.pdbx_overall_SU_R_free_Blow_DPI          ? 
_refine.pdbx_overall_SU_R_Blow_DPI               ? 
_refine.pdbx_TLS_residual_ADP_flag               ? 
_refine.pdbx_diffrn_id                           1 
_refine.overall_SU_B                             ? 
_refine.overall_SU_ML                            0.2100 
_refine.overall_SU_R_Cruickshank_DPI             ? 
_refine.overall_SU_R_free                        ? 
_refine.overall_FOM_free_R_set                   ? 
_refine.overall_FOM_work_R_set                   ? 
_refine.pdbx_average_fsc_overall                 ? 
_refine.pdbx_average_fsc_work                    ? 
_refine.pdbx_average_fsc_free                    ? 
# 
_refine_hist.cycle_id                         final 
_refine_hist.pdbx_refine_id                   'X-RAY DIFFRACTION' 
_refine_hist.d_res_high                       1.3990 
_refine_hist.d_res_low                        9.7490 
_refine_hist.pdbx_number_atoms_ligand         3 
_refine_hist.number_atoms_solvent             6 
_refine_hist.number_atoms_total               179 
_refine_hist.pdbx_number_residues_total       22 
_refine_hist.pdbx_B_iso_mean_ligand           17.67 
_refine_hist.pdbx_B_iso_mean_solvent          11.86 
_refine_hist.pdbx_number_atoms_protein        170 
_refine_hist.pdbx_number_atoms_nucleic_acid   0 
# 
loop_
_refine_ls_restr.pdbx_refine_id 
_refine_ls_restr.criterion 
_refine_ls_restr.dev_ideal 
_refine_ls_restr.dev_ideal_target 
_refine_ls_restr.number 
_refine_ls_restr.rejects 
_refine_ls_restr.type 
_refine_ls_restr.weight 
_refine_ls_restr.pdbx_restraint_function 
'ELECTRON CRYSTALLOGRAPHY' ? 0.008  ? 176 ? f_bond_d           ? ? 
'ELECTRON CRYSTALLOGRAPHY' ? 1.216  ? 235 ? f_angle_d          ? ? 
'ELECTRON CRYSTALLOGRAPHY' ? 0.047  ? 24  ? f_chiral_restr     ? ? 
'ELECTRON CRYSTALLOGRAPHY' ? 0.004  ? 32  ? f_plane_restr      ? ? 
'ELECTRON CRYSTALLOGRAPHY' ? 12.170 ? 52  ? f_dihedral_angle_d ? ? 
# 
loop_
_refine_ls_shell.pdbx_refine_id 
_refine_ls_shell.d_res_high 
_refine_ls_shell.d_res_low 
_refine_ls_shell.number_reflns_all 
_refine_ls_shell.number_reflns_obs 
_refine_ls_shell.number_reflns_R_free 
_refine_ls_shell.number_reflns_R_work 
_refine_ls_shell.percent_reflns_obs 
_refine_ls_shell.percent_reflns_R_free 
_refine_ls_shell.R_factor_all 
_refine_ls_shell.R_factor_obs 
_refine_ls_shell.R_factor_R_free 
_refine_ls_shell.R_factor_R_free_error 
_refine_ls_shell.R_factor_R_work 
_refine_ls_shell.redundancy_reflns_all 
_refine_ls_shell.redundancy_reflns_obs 
_refine_ls_shell.wR_factor_all 
_refine_ls_shell.wR_factor_obs 
_refine_ls_shell.wR_factor_R_free 
_refine_ls_shell.wR_factor_R_work 
_refine_ls_shell.pdbx_total_number_of_bins_used 
_refine_ls_shell.pdbx_phase_error 
_refine_ls_shell.pdbx_fsc_work 
_refine_ls_shell.pdbx_fsc_free 
'ELECTRON CRYSTALLOGRAPHY' 1.400  1.7605 . . 99  897  69.0000 . . . 0.3155 . 0.2506 . . . . . . . . . . 
'ELECTRON CRYSTALLOGRAPHY' 1.7605 9.7490 . . 119 1062 82.0000 . . . 0.2401 . 0.2152 . . . . . . . . . . 
# 
_struct.entry_id                     5KO0 
_struct.title                        'Human Islet Amyloid Polypeptide Segment 15-FLVHSSNNFGA-25 Determined by MicroED' 
_struct.pdbx_model_details           ? 
_struct.pdbx_formula_weight          ? 
_struct.pdbx_formula_weight_method   ? 
_struct.pdbx_model_type_details      ? 
_struct.pdbx_CASP_flag               N 
# 
_struct_keywords.entry_id        5KO0 
_struct_keywords.text            'Amyloid, islet amyloid polypeptide, Type II Diabetes, Toxic Spine, MicroED, PROTEIN FIBRIL' 
_struct_keywords.pdbx_keywords   'PROTEIN FIBRIL' 
# 
loop_
_struct_asym.id 
_struct_asym.pdbx_blank_PDB_chainid_flag 
_struct_asym.pdbx_modified 
_struct_asym.entity_id 
_struct_asym.details 
A N N 1 ? 
B N N 1 ? 
C N N 2 ? 
D N N 3 ? 
E N N 3 ? 
# 
_struct_ref.id                         1 
_struct_ref.db_name                    UNP 
_struct_ref.db_code                    IAPP_HUMAN 
_struct_ref.pdbx_db_accession          P10997 
_struct_ref.pdbx_db_isoform            ? 
_struct_ref.entity_id                  1 
_struct_ref.pdbx_seq_one_letter_code   FLVHSSNNFGA 
_struct_ref.pdbx_align_begin           48 
# 
loop_
_struct_ref_seq.align_id 
_struct_ref_seq.ref_id 
_struct_ref_seq.pdbx_PDB_id_code 
_struct_ref_seq.pdbx_strand_id 
_struct_ref_seq.seq_align_beg 
_struct_ref_seq.pdbx_seq_align_beg_ins_code 
_struct_ref_seq.seq_align_end 
_struct_ref_seq.pdbx_seq_align_end_ins_code 
_struct_ref_seq.pdbx_db_accession 
_struct_ref_seq.db_align_beg 
_struct_ref_seq.pdbx_db_align_beg_ins_code 
_struct_ref_seq.db_align_end 
_struct_ref_seq.pdbx_db_align_end_ins_code 
_struct_ref_seq.pdbx_auth_seq_align_beg 
_struct_ref_seq.pdbx_auth_seq_align_end 
1 1 5KO0 A 1 ? 11 ? P10997 48 ? 58 ? 15 25 
2 1 5KO0 B 1 ? 11 ? P10997 48 ? 58 ? 15 25 
# 
_pdbx_struct_assembly.id                   1 
_pdbx_struct_assembly.details              author_defined_assembly 
_pdbx_struct_assembly.method_details       ? 
_pdbx_struct_assembly.oligomeric_details   octadecameric 
_pdbx_struct_assembly.oligomeric_count     18 
# 
loop_
_pdbx_struct_assembly_gen.assembly_id 
_pdbx_struct_assembly_gen.oper_expression 
_pdbx_struct_assembly_gen.asym_id_list 
1 1 A,B,C,D,E 
1 2 A,B,C,D,E 
1 3 A,B,C,D,E 
1 4 A,B,C,D,E 
1 5 A,B,C,D,E 
1 6 A,B,C,D,E 
1 7 A,B,C,D,E 
1 8 A,B,C,D,E 
1 9 A,B,C,D,E 
# 
loop_
_pdbx_struct_oper_list.id 
_pdbx_struct_oper_list.type 
_pdbx_struct_oper_list.name 
_pdbx_struct_oper_list.symmetry_operation 
_pdbx_struct_oper_list.matrix[1][1] 
_pdbx_struct_oper_list.matrix[1][2] 
_pdbx_struct_oper_list.matrix[1][3] 
_pdbx_struct_oper_list.vector[1] 
_pdbx_struct_oper_list.matrix[2][1] 
_pdbx_struct_oper_list.matrix[2][2] 
_pdbx_struct_oper_list.matrix[2][3] 
_pdbx_struct_oper_list.vector[2] 
_pdbx_struct_oper_list.matrix[3][1] 
_pdbx_struct_oper_list.matrix[3][2] 
_pdbx_struct_oper_list.matrix[3][3] 
_pdbx_struct_oper_list.vector[3] 
1 'identity operation'         1_555 x,y,z   1.0000000000 0.0000000000 0.0000000000 0.0000000000   0.0000000000 1.0000000000 0.0000000000 0.0000000000   0.0000000000 0.0000000000 1.0000000000 0.0000000000   
2 'crystal symmetry operation' 1_155 x-4,y,z 1.0000000000 0.0000000000 0.0000000000 -17.0445857898 0.0000000000 1.0000000000 0.0000000000 32.2067216382  0.0000000000 0.0000000000 1.0000000000 -29.2398286003 
3 'crystal symmetry operation' 1_255 x-3,y,z 1.0000000000 0.0000000000 0.0000000000 -12.7834393423 0.0000000000 1.0000000000 0.0000000000 24.1550412287  0.0000000000 0.0000000000 1.0000000000 -21.9298714502 
4 'crystal symmetry operation' 1_355 x-2,y,z 1.0000000000 0.0000000000 0.0000000000 -8.5222928949  0.0000000000 1.0000000000 0.0000000000 16.1033608191  0.0000000000 0.0000000000 1.0000000000 -14.6199143001 
5 'crystal symmetry operation' 1_455 x-1,y,z 1.0000000000 0.0000000000 0.0000000000 -4.2611464474  0.0000000000 1.0000000000 0.0000000000 8.0516804096   0.0000000000 0.0000000000 1.0000000000 -7.3099571501  
6 'crystal symmetry operation' 1_655 x+1,y,z 1.0000000000 0.0000000000 0.0000000000 4.2611464474   0.0000000000 1.0000000000 0.0000000000 -8.0516804096  0.0000000000 0.0000000000 1.0000000000 7.3099571501   
7 'crystal symmetry operation' 1_755 x+2,y,z 1.0000000000 0.0000000000 0.0000000000 8.5222928949   0.0000000000 1.0000000000 0.0000000000 -16.1033608191 0.0000000000 0.0000000000 1.0000000000 14.6199143001  
8 'crystal symmetry operation' 1_855 x+3,y,z 1.0000000000 0.0000000000 0.0000000000 12.7834393423  0.0000000000 1.0000000000 0.0000000000 -24.1550412287 0.0000000000 0.0000000000 1.0000000000 21.9298714502  
9 'crystal symmetry operation' 1_955 x+4,y,z 1.0000000000 0.0000000000 0.0000000000 17.0445857898  0.0000000000 1.0000000000 0.0000000000 -32.2067216382 0.0000000000 0.0000000000 1.0000000000 29.2398286003 
# 
_struct_biol.id        1 
_struct_biol.details   
'The biological unit is an extended beta sheet comprising peptides repeated ad infinitum along the a crystal axis.' 
# 
_struct_sheet.id               AA1 
_struct_sheet.type             ? 
_struct_sheet.number_strands   2 
_struct_sheet.details          ? 
# 
_struct_sheet_order.sheet_id     AA1 
_struct_sheet_order.range_id_1   1 
_struct_sheet_order.range_id_2   2 
_struct_sheet_order.offset       ? 
_struct_sheet_order.sense        anti-parallel 
# 
loop_
_struct_sheet_range.sheet_id 
_struct_sheet_range.id 
_struct_sheet_range.beg_label_comp_id 
_struct_sheet_range.beg_label_asym_id 
_struct_sheet_range.beg_label_seq_id 
_struct_sheet_range.pdbx_beg_PDB_ins_code 
_struct_sheet_range.end_label_comp_id 
_struct_sheet_range.end_label_asym_id 
_struct_sheet_range.end_label_seq_id 
_struct_sheet_range.pdbx_end_PDB_ins_code 
_struct_sheet_range.beg_auth_comp_id 
_struct_sheet_range.beg_auth_asym_id 
_struct_sheet_range.beg_auth_seq_id 
_struct_sheet_range.end_auth_comp_id 
_struct_sheet_range.end_auth_asym_id 
_struct_sheet_range.end_auth_seq_id 
AA1 1 LEU A 2 ? GLY A 10 ? LEU A 16 GLY A 24 
AA1 2 LEU B 2 ? GLY B 10 ? LEU B 16 GLY B 24 
# 
_pdbx_struct_sheet_hbond.sheet_id                AA1 
_pdbx_struct_sheet_hbond.range_id_1              1 
_pdbx_struct_sheet_hbond.range_id_2              2 
_pdbx_struct_sheet_hbond.range_1_label_atom_id   N 
_pdbx_struct_sheet_hbond.range_1_label_comp_id   PHE 
_pdbx_struct_sheet_hbond.range_1_label_asym_id   A 
_pdbx_struct_sheet_hbond.range_1_label_seq_id    9 
_pdbx_struct_sheet_hbond.range_1_PDB_ins_code    ? 
_pdbx_struct_sheet_hbond.range_1_auth_atom_id    N 
_pdbx_struct_sheet_hbond.range_1_auth_comp_id    PHE 
_pdbx_struct_sheet_hbond.range_1_auth_asym_id    A 
_pdbx_struct_sheet_hbond.range_1_auth_seq_id     23 
_pdbx_struct_sheet_hbond.range_2_label_atom_id   O 
_pdbx_struct_sheet_hbond.range_2_label_comp_id   VAL 
_pdbx_struct_sheet_hbond.range_2_label_asym_id   B 
_pdbx_struct_sheet_hbond.range_2_label_seq_id    3 
_pdbx_struct_sheet_hbond.range_2_PDB_ins_code    ? 
_pdbx_struct_sheet_hbond.range_2_auth_atom_id    O 
_pdbx_struct_sheet_hbond.range_2_auth_comp_id    VAL 
_pdbx_struct_sheet_hbond.range_2_auth_asym_id    B 
_pdbx_struct_sheet_hbond.range_2_auth_seq_id     17 
# 
_struct_site.id                   AC1 
_struct_site.pdbx_evidence_code   Software 
_struct_site.pdbx_auth_asym_id    B 
_struct_site.pdbx_auth_comp_id    SCN 
_struct_site.pdbx_auth_seq_id     101 
_struct_site.pdbx_auth_ins_code   ? 
_struct_site.pdbx_num_residues    2 
_struct_site.details              'binding site for residue SCN B 101' 
# 
loop_
_struct_site_gen.id 
_struct_site_gen.site_id 
_struct_site_gen.pdbx_num_res 
_struct_site_gen.label_comp_id 
_struct_site_gen.label_asym_id 
_struct_site_gen.label_seq_id 
_struct_site_gen.pdbx_auth_ins_code 
_struct_site_gen.auth_comp_id 
_struct_site_gen.auth_asym_id 
_struct_site_gen.auth_seq_id 
_struct_site_gen.label_atom_id 
_struct_site_gen.label_alt_id 
_struct_site_gen.symmetry 
_struct_site_gen.details 
1 AC1 2 ASN A 8 ? ASN A 22 . ? 1_555 ? 
2 AC1 2 SER B 5 ? SER B 19 . ? 1_555 ? 
# 
_pdbx_phasing_MR.entry_id                     5KO0 
_pdbx_phasing_MR.method_rotation              ? 
_pdbx_phasing_MR.method_translation           ? 
_pdbx_phasing_MR.model_details                'Phaser MODE: MR_AUTO' 
_pdbx_phasing_MR.R_factor                     ? 
_pdbx_phasing_MR.R_rigid_body                 ? 
_pdbx_phasing_MR.correlation_coeff_Fo_to_Fc   ? 
_pdbx_phasing_MR.correlation_coeff_Io_to_Ic   ? 
_pdbx_phasing_MR.d_res_high_rotation          ? 
_pdbx_phasing_MR.d_res_low_rotation           ? 
_pdbx_phasing_MR.d_res_high_translation       ? 
_pdbx_phasing_MR.d_res_low_translation        ? 
_pdbx_phasing_MR.packing                      ? 
_pdbx_phasing_MR.reflns_percent_rotation      ? 
_pdbx_phasing_MR.reflns_percent_translation   ? 
_pdbx_phasing_MR.sigma_F_rotation             ? 
_pdbx_phasing_MR.sigma_F_translation          ? 
_pdbx_phasing_MR.sigma_I_rotation             ? 
_pdbx_phasing_MR.sigma_I_translation          ? 
# 
_phasing.method   MR 
# 
_em_3d_fitting.entry_id          5KO0 
_em_3d_fitting.id                1 
_em_3d_fitting.details           ? 
_em_3d_fitting.overall_b_value   9.03 
_em_3d_fitting.ref_protocol      OTHER 
_em_3d_fitting.ref_space         RECIPROCAL 
_em_3d_fitting.target_criteria   'maximum likelihood' 
_em_3d_fitting.method            ? 
# 
_em_3d_reconstruction.entry_id                    5KO0 
_em_3d_reconstruction.id                          1 
_em_3d_reconstruction.algorithm                   ? 
_em_3d_reconstruction.details                     ? 
_em_3d_reconstruction.image_processing_id         1 
_em_3d_reconstruction.num_class_averages          ? 
_em_3d_reconstruction.num_particles               ? 
_em_3d_reconstruction.resolution                  1.400 
_em_3d_reconstruction.resolution_method           'DIFFRACTION PATTERN/LAYERLINES' 
_em_3d_reconstruction.symmetry_type               '3D CRYSTAL' 
_em_3d_reconstruction.method                      ? 
_em_3d_reconstruction.nominal_pixel_size          ? 
_em_3d_reconstruction.actual_pixel_size           ? 
_em_3d_reconstruction.magnification_calibration   ? 
_em_3d_reconstruction.citation_id                 ? 
_em_3d_reconstruction.euler_angles_details        ? 
# 
_em_buffer.id            1 
_em_buffer.details       ? 
_em_buffer.pH            7.0 
_em_buffer.specimen_id   1 
_em_buffer.name          ? 
# 
_em_entity_assembly.id                   1 
_em_entity_assembly.parent_id            0 
_em_entity_assembly.details              ? 
_em_entity_assembly.name                 'Amyloid fiber' 
_em_entity_assembly.source               'MULTIPLE SOURCES' 
_em_entity_assembly.type                 COMPLEX 
_em_entity_assembly.entity_id_list       1 
_em_entity_assembly.synonym              ? 
_em_entity_assembly.oligomeric_details   ? 
# 
_em_image_scans.entry_id                5KO0 
_em_image_scans.id                      1 
_em_image_scans.dimension_height        4096 
_em_image_scans.dimension_width         4096 
_em_image_scans.frames_per_image        ? 
_em_image_scans.image_recording_id      1 
_em_image_scans.sampling_size           15.6 
_em_image_scans.scanner_model           ? 
_em_image_scans.used_frames_per_image   ? 
_em_image_scans.number_digital_images   ? 
_em_image_scans.details                 ? 
_em_image_scans.od_range                ? 
_em_image_scans.quant_bit_size          ? 
_em_image_scans.citation_id             ? 
# 
_em_imaging.id                              1 
_em_imaging.entry_id                        5KO0 
_em_imaging.accelerating_voltage            200 
_em_imaging.alignment_procedure             BASIC 
_em_imaging.c2_aperture_diameter            ? 
_em_imaging.calibrated_defocus_max          ? 
_em_imaging.calibrated_defocus_min          ? 
_em_imaging.calibrated_magnification        ? 
_em_imaging.cryogen                         NITROGEN 
_em_imaging.details                         ? 
_em_imaging.electron_source                 'FIELD EMISSION GUN' 
_em_imaging.illumination_mode               'FLOOD BEAM' 
_em_imaging.microscope_model                'FEI TECNAI 20' 
_em_imaging.mode                            DIFFRACTION 
_em_imaging.nominal_cs                      ? 
_em_imaging.nominal_defocus_max             ? 
_em_imaging.nominal_defocus_min             ? 
_em_imaging.nominal_magnification           ? 
_em_imaging.recording_temperature_maximum   100 
_em_imaging.recording_temperature_minimum   100 
_em_imaging.residual_tilt                   ? 
_em_imaging.specimen_holder_model           'GATAN 626 SINGLE TILT LIQUID NITROGEN CRYO TRANSFER HOLDER' 
_em_imaging.specimen_id                     1 
_em_imaging.date                            ? 
_em_imaging.temperature                     ? 
_em_imaging.tilt_angle_min                  ? 
_em_imaging.tilt_angle_max                  ? 
_em_imaging.specimen_holder_type            ? 
_em_imaging.astigmatism                     ? 
_em_imaging.electron_beam_tilt_params       ? 
_em_imaging.citation_id                     ? 
_em_imaging.detector_distance               ? 
# 
_em_sample_support.id               1 
_em_sample_support.specimen_id      1 
_em_sample_support.details          ? 
_em_sample_support.grid_material    COPPER 
_em_sample_support.grid_mesh_size   300 
_em_sample_support.grid_type        'Quantifoil R2/2' 
_em_sample_support.method           ? 
_em_sample_support.film_material    ? 
_em_sample_support.citation_id      ? 
# 
_em_vitrification.id                    1 
_em_vitrification.specimen_id           1 
_em_vitrification.chamber_temperature   ? 
_em_vitrification.cryogen_name          ETHANE 
_em_vitrification.details               ? 
_em_vitrification.humidity              ? 
_em_vitrification.instrument            ? 
_em_vitrification.entry_id              5KO0 
_em_vitrification.temp                  ? 
_em_vitrification.method                ? 
_em_vitrification.time_resolved_state   ? 
_em_vitrification.citation_id           ? 
# 
_em_experiment.entry_id                5KO0 
_em_experiment.id                      1 
_em_experiment.aggregation_state       '3D ARRAY' 
_em_experiment.reconstruction_method   CRYSTALLOGRAPHY 
_em_experiment.entity_assembly_id      1 
# 
loop_
_chem_comp_atom.comp_id 
_chem_comp_atom.atom_id 
_chem_comp_atom.type_symbol 
_chem_comp_atom.pdbx_aromatic_flag 
_chem_comp_atom.pdbx_stereo_config 
_chem_comp_atom.pdbx_ordinal 
ALA N    N N N 1   
ALA CA   C N S 2   
ALA C    C N N 3   
ALA O    O N N 4   
ALA CB   C N N 5   
ALA OXT  O N N 6   
ALA H    H N N 7   
ALA H2   H N N 8   
ALA HA   H N N 9   
ALA HB1  H N N 10  
ALA HB2  H N N 11  
ALA HB3  H N N 12  
ALA HXT  H N N 13  
ASN N    N N N 14  
ASN CA   C N S 15  
ASN C    C N N 16  
ASN O    O N N 17  
ASN CB   C N N 18  
ASN CG   C N N 19  
ASN OD1  O N N 20  
ASN ND2  N N N 21  
ASN OXT  O N N 22  
ASN H    H N N 23  
ASN H2   H N N 24  
ASN HA   H N N 25  
ASN HB2  H N N 26  
ASN HB3  H N N 27  
ASN HD21 H N N 28  
ASN HD22 H N N 29  
ASN HXT  H N N 30  
GLY N    N N N 31  
GLY CA   C N N 32  
GLY C    C N N 33  
GLY O    O N N 34  
GLY OXT  O N N 35  
GLY H    H N N 36  
GLY H2   H N N 37  
GLY HA2  H N N 38  
GLY HA3  H N N 39  
GLY HXT  H N N 40  
HIS N    N N N 41  
HIS CA   C N S 42  
HIS C    C N N 43  
HIS O    O N N 44  
HIS CB   C N N 45  
HIS CG   C Y N 46  
HIS ND1  N Y N 47  
HIS CD2  C Y N 48  
HIS CE1  C Y N 49  
HIS NE2  N Y N 50  
HIS OXT  O N N 51  
HIS H    H N N 52  
HIS H2   H N N 53  
HIS HA   H N N 54  
HIS HB2  H N N 55  
HIS HB3  H N N 56  
HIS HD1  H N N 57  
HIS HD2  H N N 58  
HIS HE1  H N N 59  
HIS HE2  H N N 60  
HIS HXT  H N N 61  
HOH O    O N N 62  
HOH H1   H N N 63  
HOH H2   H N N 64  
LEU N    N N N 65  
LEU CA   C N S 66  
LEU C    C N N 67  
LEU O    O N N 68  
LEU CB   C N N 69  
LEU CG   C N N 70  
LEU CD1  C N N 71  
LEU CD2  C N N 72  
LEU OXT  O N N 73  
LEU H    H N N 74  
LEU H2   H N N 75  
LEU HA   H N N 76  
LEU HB2  H N N 77  
LEU HB3  H N N 78  
LEU HG   H N N 79  
LEU HD11 H N N 80  
LEU HD12 H N N 81  
LEU HD13 H N N 82  
LEU HD21 H N N 83  
LEU HD22 H N N 84  
LEU HD23 H N N 85  
LEU HXT  H N N 86  
PHE N    N N N 87  
PHE CA   C N S 88  
PHE C    C N N 89  
PHE O    O N N 90  
PHE CB   C N N 91  
PHE CG   C Y N 92  
PHE CD1  C Y N 93  
PHE CD2  C Y N 94  
PHE CE1  C Y N 95  
PHE CE2  C Y N 96  
PHE CZ   C Y N 97  
PHE OXT  O N N 98  
PHE H    H N N 99  
PHE H2   H N N 100 
PHE HA   H N N 101 
PHE HB2  H N N 102 
PHE HB3  H N N 103 
PHE HD1  H N N 104 
PHE HD2  H N N 105 
PHE HE1  H N N 106 
PHE HE2  H N N 107 
PHE HZ   H N N 108 
PHE HXT  H N N 109 
SCN S    S N N 110 
SCN C    C N N 111 
SCN N    N N N 112 
SER N    N N N 113 
SER CA   C N S 114 
SER C    C N N 115 
SER O    O N N 116 
SER CB   C N N 117 
SER OG   O N N 118 
SER OXT  O N N 119 
SER H    H N N 120 
SER H2   H N N 121 
SER HA   H N N 122 
SER HB2  H N N 123 
SER HB3  H N N 124 
SER HG   H N N 125 
SER HXT  H N N 126 
VAL N    N N N 127 
VAL CA   C N S 128 
VAL C    C N N 129 
VAL O    O N N 130 
VAL CB   C N N 131 
VAL CG1  C N N 132 
VAL CG2  C N N 133 
VAL OXT  O N N 134 
VAL H    H N N 135 
VAL H2   H N N 136 
VAL HA   H N N 137 
VAL HB   H N N 138 
VAL HG11 H N N 139 
VAL HG12 H N N 140 
VAL HG13 H N N 141 
VAL HG21 H N N 142 
VAL HG22 H N N 143 
VAL HG23 H N N 144 
VAL HXT  H N N 145 
# 
loop_
_chem_comp_bond.comp_id 
_chem_comp_bond.atom_id_1 
_chem_comp_bond.atom_id_2 
_chem_comp_bond.value_order 
_chem_comp_bond.pdbx_aromatic_flag 
_chem_comp_bond.pdbx_stereo_config 
_chem_comp_bond.pdbx_ordinal 
ALA N   CA   sing N N 1   
ALA N   H    sing N N 2   
ALA N   H2   sing N N 3   
ALA CA  C    sing N N 4   
ALA CA  CB   sing N N 5   
ALA CA  HA   sing N N 6   
ALA C   O    doub N N 7   
ALA C   OXT  sing N N 8   
ALA CB  HB1  sing N N 9   
ALA CB  HB2  sing N N 10  
ALA CB  HB3  sing N N 11  
ALA OXT HXT  sing N N 12  
ASN N   CA   sing N N 13  
ASN N   H    sing N N 14  
ASN N   H2   sing N N 15  
ASN CA  C    sing N N 16  
ASN CA  CB   sing N N 17  
ASN CA  HA   sing N N 18  
ASN C   O    doub N N 19  
ASN C   OXT  sing N N 20  
ASN CB  CG   sing N N 21  
ASN CB  HB2  sing N N 22  
ASN CB  HB3  sing N N 23  
ASN CG  OD1  doub N N 24  
ASN CG  ND2  sing N N 25  
ASN ND2 HD21 sing N N 26  
ASN ND2 HD22 sing N N 27  
ASN OXT HXT  sing N N 28  
GLY N   CA   sing N N 29  
GLY N   H    sing N N 30  
GLY N   H2   sing N N 31  
GLY CA  C    sing N N 32  
GLY CA  HA2  sing N N 33  
GLY CA  HA3  sing N N 34  
GLY C   O    doub N N 35  
GLY C   OXT  sing N N 36  
GLY OXT HXT  sing N N 37  
HIS N   CA   sing N N 38  
HIS N   H    sing N N 39  
HIS N   H2   sing N N 40  
HIS CA  C    sing N N 41  
HIS CA  CB   sing N N 42  
HIS CA  HA   sing N N 43  
HIS C   O    doub N N 44  
HIS C   OXT  sing N N 45  
HIS CB  CG   sing N N 46  
HIS CB  HB2  sing N N 47  
HIS CB  HB3  sing N N 48  
HIS CG  ND1  sing Y N 49  
HIS CG  CD2  doub Y N 50  
HIS ND1 CE1  doub Y N 51  
HIS ND1 HD1  sing N N 52  
HIS CD2 NE2  sing Y N 53  
HIS CD2 HD2  sing N N 54  
HIS CE1 NE2  sing Y N 55  
HIS CE1 HE1  sing N N 56  
HIS NE2 HE2  sing N N 57  
HIS OXT HXT  sing N N 58  
HOH O   H1   sing N N 59  
HOH O   H2   sing N N 60  
LEU N   CA   sing N N 61  
LEU N   H    sing N N 62  
LEU N   H2   sing N N 63  
LEU CA  C    sing N N 64  
LEU CA  CB   sing N N 65  
LEU CA  HA   sing N N 66  
LEU C   O    doub N N 67  
LEU C   OXT  sing N N 68  
LEU CB  CG   sing N N 69  
LEU CB  HB2  sing N N 70  
LEU CB  HB3  sing N N 71  
LEU CG  CD1  sing N N 72  
LEU CG  CD2  sing N N 73  
LEU CG  HG   sing N N 74  
LEU CD1 HD11 sing N N 75  
LEU CD1 HD12 sing N N 76  
LEU CD1 HD13 sing N N 77  
LEU CD2 HD21 sing N N 78  
LEU CD2 HD22 sing N N 79  
LEU CD2 HD23 sing N N 80  
LEU OXT HXT  sing N N 81  
PHE N   CA   sing N N 82  
PHE N   H    sing N N 83  
PHE N   H2   sing N N 84  
PHE CA  C    sing N N 85  
PHE CA  CB   sing N N 86  
PHE CA  HA   sing N N 87  
PHE C   O    doub N N 88  
PHE C   OXT  sing N N 89  
PHE CB  CG   sing N N 90  
PHE CB  HB2  sing N N 91  
PHE CB  HB3  sing N N 92  
PHE CG  CD1  doub Y N 93  
PHE CG  CD2  sing Y N 94  
PHE CD1 CE1  sing Y N 95  
PHE CD1 HD1  sing N N 96  
PHE CD2 CE2  doub Y N 97  
PHE CD2 HD2  sing N N 98  
PHE CE1 CZ   doub Y N 99  
PHE CE1 HE1  sing N N 100 
PHE CE2 CZ   sing Y N 101 
PHE CE2 HE2  sing N N 102 
PHE CZ  HZ   sing N N 103 
PHE OXT HXT  sing N N 104 
SCN S   C    sing N N 105 
SCN C   N    trip N N 106 
SER N   CA   sing N N 107 
SER N   H    sing N N 108 
SER N   H2   sing N N 109 
SER CA  C    sing N N 110 
SER CA  CB   sing N N 111 
SER CA  HA   sing N N 112 
SER C   O    doub N N 113 
SER C   OXT  sing N N 114 
SER CB  OG   sing N N 115 
SER CB  HB2  sing N N 116 
SER CB  HB3  sing N N 117 
SER OG  HG   sing N N 118 
SER OXT HXT  sing N N 119 
VAL N   CA   sing N N 120 
VAL N   H    sing N N 121 
VAL N   H2   sing N N 122 
VAL CA  C    sing N N 123 
VAL CA  CB   sing N N 124 
VAL CA  HA   sing N N 125 
VAL C   O    doub N N 126 
VAL C   OXT  sing N N 127 
VAL CB  CG1  sing N N 128 
VAL CB  CG2  sing N N 129 
VAL CB  HB   sing N N 130 
VAL CG1 HG11 sing N N 131 
VAL CG1 HG12 sing N N 132 
VAL CG1 HG13 sing N N 133 
VAL CG2 HG21 sing N N 134 
VAL CG2 HG22 sing N N 135 
VAL CG2 HG23 sing N N 136 
VAL OXT HXT  sing N N 137 
# 
_em_3d_crystal_entity.id                    1 
_em_3d_crystal_entity.image_processing_id   1 
_em_3d_crystal_entity.angle_alpha           62.8 
_em_3d_crystal_entity.angle_beta            88.9 
_em_3d_crystal_entity.angle_gamma           87.6 
_em_3d_crystal_entity.length_a              11.68 
_em_3d_crystal_entity.length_b              18.18 
_em_3d_crystal_entity.length_c              19.93 
_em_3d_crystal_entity.space_group_name      P1 
_em_3d_crystal_entity.space_group_num       1 
# 
loop_
_em_buffer_component.buffer_id 
_em_buffer_component.id 
_em_buffer_component.concentration 
_em_buffer_component.concentration_units 
_em_buffer_component.formula 
_em_buffer_component.name 
1 1 0.35 M NaSCN 'sodium thiocyanate' 
1 2 35   % ?     MPD                  
# 
_em_crystal_formation.id                    1 
_em_crystal_formation.specimen_id           1 
_em_crystal_formation.atmosphere            'Air, sealed chamber' 
_em_crystal_formation.details               
;20 mg/mL Lyophilized peptide in ice-cold water. Crystals were grown using the hanging drop vapor diffusion method at 4 degrees C in 0.35 M sodium thiocyanate and 35% MPD.
;
_em_crystal_formation.instrument            'Hanging Drop Vapor Diffusion Tray' 
_em_crystal_formation.lipid_mixture         ? 
_em_crystal_formation.lipid_protein_ratio   ? 
_em_crystal_formation.temperature           277 
_em_crystal_formation.time                  7 
_em_crystal_formation.time_unit             DAY 
# 
_em_ctf_correction.id                       1 
_em_ctf_correction.em_image_processing_id   1 
_em_ctf_correction.type                     NONE 
_em_ctf_correction.details                  ? 
# 
_em_diffraction.id                1 
_em_diffraction.camera_length     1840 
_em_diffraction.imaging_id        1 
_em_diffraction.tilt_angle_list   ? 
# 
_em_diffraction_shell.id                        1 
_em_diffraction_shell.em_diffraction_stats_id   1 
_em_diffraction_shell.fourier_space_coverage    75.0 
_em_diffraction_shell.high_resolution           1.40 
_em_diffraction_shell.low_resolution            22 
_em_diffraction_shell.multiplicity              4.1 
_em_diffraction_shell.num_structure_factors     2180 
_em_diffraction_shell.phase_residual            0.01 
# 
_em_diffraction_stats.id                               1 
_em_diffraction_stats.details                          
'Phasing statistics are not applicable. No imaging was used. The phases were obtained using molecular replacement.' 
_em_diffraction_stats.image_processing_id              1 
_em_diffraction_stats.fourier_space_coverage           75 
_em_diffraction_stats.high_resolution                  1.4 
_em_diffraction_stats.num_intensities_measured         9014 
_em_diffraction_stats.num_structure_factors            2180 
_em_diffraction_stats.overall_phase_error              0.01 
_em_diffraction_stats.overall_phase_residual           0.01 
_em_diffraction_stats.phase_error_rejection_criteria   0 
_em_diffraction_stats.r_merge                          0.193 
_em_diffraction_stats.r_sym                            0.193 
# 
_em_entity_assembly_molwt.entity_assembly_id   1 
_em_entity_assembly_molwt.id                   1 
_em_entity_assembly_molwt.experimental_flag    YES 
_em_entity_assembly_molwt.units                KILODALTONS/NANOMETER 
_em_entity_assembly_molwt.value                4.075 
# 
_em_image_processing.id                   1 
_em_image_processing.image_recording_id   1 
_em_image_processing.details              ? 
# 
_em_image_recording.id                            1 
_em_image_recording.imaging_id                    1 
_em_image_recording.avg_electron_dose_per_image   0.01 
_em_image_recording.average_exposure_time         2 
_em_image_recording.details                       'The detector was operated in rolling shutter mode with 2x2 pixel binning.' 
_em_image_recording.detector_mode                 ? 
_em_image_recording.film_or_detector_model        'TVIPS TEMCAM-F416 (4k x 4k)' 
_em_image_recording.num_diffraction_images        879 
_em_image_recording.num_grids_imaged              2 
_em_image_recording.num_real_images               ? 
# 
loop_
_em_software.id 
_em_software.category 
_em_software.details 
_em_software.name 
_em_software.version 
_em_software.image_processing_id 
_em_software.fitting_id 
_em_software.imaging_id 
1  'IMAGE ACQUISITION'             ? EM-Menu ?     ? ? 1 
2  MASKING                         ? ?       ?     ? ? ? 
3  'CTF CORRECTION'                ? ?       ?     1 ? ? 
4  'LAYERLINE INDEXING'            ? ?       ?     ? ? ? 
5  'DIFFRACTION INDEXING'          ? XDS     ?     ? ? ? 
6  'MODEL FITTING'                 ? Coot    0.8.2 ? 1 ? 
7  OTHER                           ? ?       ?     ? ? ? 
8  'MOLECULAR REPLACEMENT'         ? Phaser  2.5.6 1 ? ? 
9  'LATTICE DISTORTION CORRECTION' ? ?       ?     1 ? ? 
10 'SYMMETRY DETERMINATION'        ? ?       ?     1 ? ? 
11 'CRYSTALLOGRAPHY MERGING'       ? ?       ?     1 ? ? 
12 RECONSTRUCTION                  ? ?       ?     1 ? ? 
13 'MODEL REFINEMENT'              ? PHENIX  1.9   ? 1 ? 
# 
_em_specimen.id                      1 
_em_specimen.experiment_id           1 
_em_specimen.concentration           20 
_em_specimen.details                 ? 
_em_specimen.embedding_applied       NO 
_em_specimen.shadowing_applied       NO 
_em_specimen.staining_applied        NO 
_em_specimen.vitrification_applied   YES 
# 
loop_
_pdbx_audit_support.funding_organization 
_pdbx_audit_support.country 
_pdbx_audit_support.grant_number 
_pdbx_audit_support.ordinal 
'National Institutes of Health/National Institute on Aging (NIH/NIA)' 'United States' 'R01 AG029430' 1 
'Howard Hughes Medical Institute (HHMI)'                              'United States' ?              2 
# 
_atom_sites.entry_id                    5KO0 
_atom_sites.fract_transf_matrix[1][1]   0.02790971 
_atom_sites.fract_transf_matrix[1][2]   -0.05978119 
_atom_sites.fract_transf_matrix[1][3]   0.05468274 
_atom_sites.fract_transf_matrix[2][1]   0.04877358 
_atom_sites.fract_transf_matrix[2][2]   -0.00797181 
_atom_sites.fract_transf_matrix[2][3]   -0.03721196 
_atom_sites.fract_transf_matrix[3][1]   0.00457796 
_atom_sites.fract_transf_matrix[3][2]   0.03908940 
_atom_sites.fract_transf_matrix[3][3]   0.04038711 
_atom_sites.fract_transf_vector[1]      -0.236742 
_atom_sites.fract_transf_vector[2]      0.203583 
_atom_sites.fract_transf_vector[3]      0.080077 
# 
loop_
_atom_type.symbol 
C 
N 
O 
S 
# 
loop_
_atom_site.group_PDB 
_atom_site.id 
_atom_site.type_symbol 
_atom_site.label_atom_id 
_atom_site.label_alt_id 
_atom_site.label_comp_id 
_atom_site.label_asym_id 
_atom_site.label_entity_id 
_atom_site.label_seq_id 
_atom_site.pdbx_PDB_ins_code 
_atom_site.Cartn_x 
_atom_site.Cartn_y 
_atom_site.Cartn_z 
_atom_site.occupancy 
_atom_site.B_iso_or_equiv 
_atom_site.pdbx_formal_charge 
_atom_site.auth_seq_id 
_atom_site.auth_comp_id 
_atom_site.auth_asym_id 
_atom_site.auth_atom_id 
_atom_site.pdbx_PDB_model_num 
ATOM   1   N N   . PHE A 1 1  ? -8.046 -15.625 1.553   1.00 13.92 ? 15  PHE A N   1 
ATOM   2   C CA  . PHE A 1 1  ? -8.304 -14.252 1.145   1.00 11.43 ? 15  PHE A CA  1 
ATOM   3   C C   . PHE A 1 1  ? -7.119 -13.362 1.457   1.00 6.45  ? 15  PHE A C   1 
ATOM   4   O O   . PHE A 1 1  ? -6.328 -13.662 2.347   1.00 10.20 ? 15  PHE A O   1 
ATOM   5   C CB  . PHE A 1 1  ? -9.548 -13.693 1.844   1.00 11.60 ? 15  PHE A CB  1 
ATOM   6   C CG  . PHE A 1 1  ? -9.349 -13.435 3.315   1.00 13.43 ? 15  PHE A CG  1 
ATOM   7   C CD1 . PHE A 1 1  ? -8.928 -12.192 3.766   1.00 17.62 ? 15  PHE A CD1 1 
ATOM   8   C CD2 . PHE A 1 1  ? -9.569 -14.438 4.242   1.00 13.96 ? 15  PHE A CD2 1 
ATOM   9   C CE1 . PHE A 1 1  ? -8.730 -11.959 5.106   1.00 8.36  ? 15  PHE A CE1 1 
ATOM   10  C CE2 . PHE A 1 1  ? -9.377 -14.203 5.591   1.00 18.33 ? 15  PHE A CE2 1 
ATOM   11  C CZ  . PHE A 1 1  ? -8.961 -12.963 6.020   1.00 14.08 ? 15  PHE A CZ  1 
ATOM   12  N N   . LEU A 1 2  ? -7.012 -12.264 0.710   1.00 9.53  ? 16  LEU A N   1 
ATOM   13  C CA  . LEU A 1 2  ? -6.084 -11.189 1.033   1.00 8.17  ? 16  LEU A CA  1 
ATOM   14  C C   . LEU A 1 2  ? -6.775 -9.857  1.015   1.00 6.69  ? 16  LEU A C   1 
ATOM   15  O O   . LEU A 1 2  ? -7.350 -9.479  0.007   1.00 10.98 ? 16  LEU A O   1 
ATOM   16  C CB  . LEU A 1 2  ? -4.944 -11.112 0.040   1.00 10.91 ? 16  LEU A CB  1 
ATOM   17  C CG  . LEU A 1 2  ? -3.710 -10.253 0.309   1.00 11.03 ? 16  LEU A CG  1 
ATOM   18  C CD1 . LEU A 1 2  ? -2.956 -10.732 1.535   1.00 15.61 ? 16  LEU A CD1 1 
ATOM   19  C CD2 . LEU A 1 2  ? -2.807 -10.275 -0.917  1.00 17.06 ? 16  LEU A CD2 1 
ATOM   20  N N   . VAL A 1 3  ? -6.697 -9.123  2.111   1.00 5.28  ? 17  VAL A N   1 
ATOM   21  C CA  . VAL A 1 3  ? -7.117 -7.735  2.067   1.00 4.23  ? 17  VAL A CA  1 
ATOM   22  C C   . VAL A 1 3  ? -5.833 -6.936  1.888   1.00 3.45  ? 17  VAL A C   1 
ATOM   23  O O   . VAL A 1 3  ? -4.810 -7.272  2.489   1.00 5.11  ? 17  VAL A O   1 
ATOM   24  C CB  . VAL A 1 3  ? -7.874 -7.320  3.337   1.00 7.10  ? 17  VAL A CB  1 
ATOM   25  C CG1 . VAL A 1 3  ? -8.260 -5.853  3.302   1.00 14.13 ? 17  VAL A CG1 1 
ATOM   26  C CG2 . VAL A 1 3  ? -9.100 -8.204  3.521   1.00 6.68  ? 17  VAL A CG2 1 
ATOM   27  N N   . HIS A 1 4  ? -5.857 -5.901  1.054   1.00 4.46  ? 18  HIS A N   1 
ATOM   28  C CA  . HIS A 1 4  ? -4.638 -5.148  0.797   1.00 6.38  ? 18  HIS A CA  1 
ATOM   29  C C   . HIS A 1 4  ? -4.977 -3.723  0.486   1.00 1.91  ? 18  HIS A C   1 
ATOM   30  O O   . HIS A 1 4  ? -6.068 -3.426  0.009   1.00 3.20  ? 18  HIS A O   1 
ATOM   31  C CB  . HIS A 1 4  ? -3.859 -5.740  -0.368  1.00 3.54  ? 18  HIS A CB  1 
ATOM   32  C CG  . HIS A 1 4  ? -4.671 -5.845  -1.615  1.00 10.19 ? 18  HIS A CG  1 
ATOM   33  N ND1 . HIS A 1 4  ? -4.797 -4.803  -2.508  1.00 10.38 ? 18  HIS A ND1 1 
ATOM   34  C CD2 . HIS A 1 4  ? -5.445 -6.848  -2.092  1.00 13.18 ? 18  HIS A CD2 1 
ATOM   35  C CE1 . HIS A 1 4  ? -5.595 -5.169  -3.495  1.00 14.15 ? 18  HIS A CE1 1 
ATOM   36  N NE2 . HIS A 1 4  ? -6.001 -6.404  -3.267  1.00 15.29 ? 18  HIS A NE2 1 
ATOM   37  N N   . SER A 1 5  ? -4.024 -2.845  0.745   1.00 2.35  ? 19  SER A N   1 
ATOM   38  C CA  . SER A 1 5  ? -4.154 -1.449  0.418   1.00 3.26  ? 19  SER A CA  1 
ATOM   39  C C   . SER A 1 5  ? -2.784 -0.938  -0.013  1.00 2.18  ? 19  SER A C   1 
ATOM   40  O O   . SER A 1 5  ? -1.755 -1.442  0.441   1.00 4.28  ? 19  SER A O   1 
ATOM   41  C CB  . SER A 1 5  ? -4.695 -0.666  1.614   1.00 3.43  ? 19  SER A CB  1 
ATOM   42  O OG  . SER A 1 5  ? -3.774 -0.693  2.685   1.00 9.19  ? 19  SER A OG  1 
ATOM   43  N N   . SER A 1 6  ? -2.774 0.042   -0.906  1.00 5.10  ? 20  SER A N   1 
ATOM   44  C CA  . SER A 1 6  ? -1.540 0.701   -1.311  1.00 3.90  ? 20  SER A CA  1 
ATOM   45  C C   . SER A 1 6  ? -1.813 2.185   -1.490  1.00 3.11  ? 20  SER A C   1 
ATOM   46  O O   . SER A 1 6  ? -2.936 2.578   -1.793  1.00 4.08  ? 20  SER A O   1 
ATOM   47  C CB  . SER A 1 6  ? -0.990 0.105   -2.606  1.00 11.53 ? 20  SER A CB  1 
ATOM   48  O OG  . SER A 1 6  ? -0.411 -1.162  -2.365  1.00 16.31 ? 20  SER A OG  1 
ATOM   49  N N   . ASN A 1 7  ? -0.791 3.004   -1.291  1.00 1.10  ? 21  ASN A N   1 
ATOM   50  C CA  . ASN A 1 7  ? -0.904 4.431   -1.531  1.00 4.44  ? 21  ASN A CA  1 
ATOM   51  C C   . ASN A 1 7  ? 0.436  4.965   -2.019  1.00 2.47  ? 21  ASN A C   1 
ATOM   52  O O   . ASN A 1 7  ? 1.486  4.415   -1.698  1.00 2.33  ? 21  ASN A O   1 
ATOM   53  C CB  . ASN A 1 7  ? -1.318 5.191   -0.269  1.00 6.05  ? 21  ASN A CB  1 
ATOM   54  C CG  . ASN A 1 7  ? -2.481 4.568   0.455   1.00 13.64 ? 21  ASN A CG  1 
ATOM   55  O OD1 . ASN A 1 7  ? -3.624 4.997   0.288   1.00 18.96 ? 21  ASN A OD1 1 
ATOM   56  N ND2 . ASN A 1 7  ? -2.205 3.564   1.275   1.00 14.78 ? 21  ASN A ND2 1 
ATOM   57  N N   . ASN A 1 8  ? 0.403  6.026   -2.809  1.00 4.09  ? 22  ASN A N   1 
ATOM   58  C CA  . ASN A 1 8  ? 1.622  6.741   -3.119  1.00 7.10  ? 22  ASN A CA  1 
ATOM   59  C C   . ASN A 1 8  ? 1.366  8.217   -3.387  1.00 3.66  ? 22  ASN A C   1 
ATOM   60  O O   . ASN A 1 8  ? 0.242  8.651   -3.641  1.00 4.58  ? 22  ASN A O   1 
ATOM   61  C CB  . ASN A 1 8  ? 2.357  6.096   -4.300  1.00 8.06  ? 22  ASN A CB  1 
ATOM   62  C CG  . ASN A 1 8  ? 1.614  6.227   -5.598  1.00 9.67  ? 22  ASN A CG  1 
ATOM   63  O OD1 . ASN A 1 8  ? 1.581  7.299   -6.200  1.00 10.31 ? 22  ASN A OD1 1 
ATOM   64  N ND2 . ASN A 1 8  ? 1.023  5.131   -6.055  1.00 16.48 ? 22  ASN A ND2 1 
ATOM   65  N N   . PHE A 1 9  ? 2.439  8.984   -3.300  1.00 3.73  ? 23  PHE A N   1 
ATOM   66  C CA  . PHE A 1 9  ? 2.386  10.424  -3.462  1.00 4.71  ? 23  PHE A CA  1 
ATOM   67  C C   . PHE A 1 9  ? 3.720  10.917  -3.962  1.00 3.65  ? 23  PHE A C   1 
ATOM   68  O O   . PHE A 1 9  ? 4.766  10.497  -3.467  1.00 5.46  ? 23  PHE A O   1 
ATOM   69  C CB  . PHE A 1 9  ? 2.036  11.120  -2.145  1.00 9.78  ? 23  PHE A CB  1 
ATOM   70  C CG  . PHE A 1 9  ? 2.221  12.606  -2.185  1.00 10.53 ? 23  PHE A CG  1 
ATOM   71  C CD1 . PHE A 1 9  ? 1.358  13.395  -2.913  1.00 11.64 ? 23  PHE A CD1 1 
ATOM   72  C CD2 . PHE A 1 9  ? 3.264  13.215  -1.506  1.00 14.41 ? 23  PHE A CD2 1 
ATOM   73  C CE1 . PHE A 1 9  ? 1.528  14.763  -2.960  1.00 12.17 ? 23  PHE A CE1 1 
ATOM   74  C CE2 . PHE A 1 9  ? 3.440  14.599  -1.561  1.00 10.59 ? 23  PHE A CE2 1 
ATOM   75  C CZ  . PHE A 1 9  ? 2.571  15.363  -2.281  1.00 13.95 ? 23  PHE A CZ  1 
ATOM   76  N N   . GLY A 1 10 ? 3.698  11.818  -4.935  1.00 4.34  ? 24  GLY A N   1 
ATOM   77  C CA  . GLY A 1 10 ? 4.943  12.320  -5.477  1.00 9.11  ? 24  GLY A CA  1 
ATOM   78  C C   . GLY A 1 10 ? 4.838  13.677  -6.111  1.00 7.16  ? 24  GLY A C   1 
ATOM   79  O O   . GLY A 1 10 ? 3.742  14.178  -6.379  1.00 5.56  ? 24  GLY A O   1 
ATOM   80  N N   . ALA A 1 11 ? 6.005  14.269  -6.337  1.00 8.33  ? 25  ALA A N   1 
ATOM   81  C CA  . ALA A 1 11 ? 6.140  15.530  -7.041  1.00 13.87 ? 25  ALA A CA  1 
ATOM   82  C C   . ALA A 1 11 ? 7.568  15.689  -7.556  1.00 21.48 ? 25  ALA A C   1 
ATOM   83  O O   . ALA A 1 11 ? 8.481  14.968  -7.158  1.00 10.33 ? 25  ALA A O   1 
ATOM   84  C CB  . ALA A 1 11 ? 5.769  16.690  -6.143  1.00 15.88 ? 25  ALA A CB  1 
ATOM   85  O OXT . ALA A 1 11 ? 7.846  16.545  -8.392  1.00 21.98 ? 25  ALA A OXT 1 
ATOM   86  N N   . PHE B 1 1  ? 10.475 13.512  -5.565  1.00 10.15 ? 15  PHE B N   1 
ATOM   87  C CA  . PHE B 1 1  ? 10.394 12.477  -4.553  1.00 10.31 ? 15  PHE B CA  1 
ATOM   88  C C   . PHE B 1 1  ? 9.238  11.548  -4.863  1.00 9.13  ? 15  PHE B C   1 
ATOM   89  O O   . PHE B 1 1  ? 8.426  11.805  -5.754  1.00 9.88  ? 15  PHE B O   1 
ATOM   90  C CB  . PHE B 1 1  ? 10.219 13.074  -3.152  1.00 15.37 ? 15  PHE B CB  1 
ATOM   91  C CG  . PHE B 1 1  ? 8.949  13.858  -2.989  1.00 9.48  ? 15  PHE B CG  1 
ATOM   92  C CD1 . PHE B 1 1  ? 8.940  15.225  -3.176  1.00 13.50 ? 15  PHE B CD1 1 
ATOM   93  C CD2 . PHE B 1 1  ? 7.756  13.223  -2.686  1.00 9.60  ? 15  PHE B CD2 1 
ATOM   94  C CE1 . PHE B 1 1  ? 7.777  15.949  -3.038  1.00 16.23 ? 15  PHE B CE1 1 
ATOM   95  C CE2 . PHE B 1 1  ? 6.589  13.938  -2.557  1.00 12.15 ? 15  PHE B CE2 1 
ATOM   96  C CZ  . PHE B 1 1  ? 6.600  15.302  -2.725  1.00 17.31 ? 15  PHE B CZ  1 
ATOM   97  N N   . LEU B 1 2  ? 9.157  10.481  -4.088  1.00 8.90  ? 16  LEU B N   1 
ATOM   98  C CA  . LEU B 1 2  ? 8.126  9.496   -4.260  1.00 6.80  ? 16  LEU B CA  1 
ATOM   99  C C   . LEU B 1 2  ? 7.923  8.762   -2.952  1.00 9.11  ? 16  LEU B C   1 
ATOM   100 O O   . LEU B 1 2  ? 8.802  8.028   -2.511  1.00 13.66 ? 16  LEU B O   1 
ATOM   101 C CB  . LEU B 1 2  ? 8.509  8.545   -5.385  1.00 14.60 ? 16  LEU B CB  1 
ATOM   102 C CG  . LEU B 1 2  ? 7.429  7.733   -6.080  1.00 12.93 ? 16  LEU B CG  1 
ATOM   103 C CD1 . LEU B 1 2  ? 6.206  8.590   -6.329  1.00 13.37 ? 16  LEU B CD1 1 
ATOM   104 C CD2 . LEU B 1 2  ? 7.979  7.208   -7.392  1.00 12.56 ? 16  LEU B CD2 1 
ATOM   105 N N   . VAL B 1 3  ? 6.780  8.985   -2.312  1.00 3.24  ? 17  VAL B N   1 
ATOM   106 C CA  . VAL B 1 3  ? 6.458  8.312   -1.060  1.00 6.08  ? 17  VAL B CA  1 
ATOM   107 C C   . VAL B 1 3  ? 5.441  7.202   -1.362  1.00 2.79  ? 17  VAL B C   1 
ATOM   108 O O   . VAL B 1 3  ? 4.583  7.349   -2.230  1.00 2.55  ? 17  VAL B O   1 
ATOM   109 C CB  . VAL B 1 3  ? 5.894  9.293   0.001   1.00 4.87  ? 17  VAL B CB  1 
ATOM   110 C CG1 . VAL B 1 3  ? 5.869  8.631   1.348   1.00 8.98  ? 17  VAL B CG1 1 
ATOM   111 C CG2 . VAL B 1 3  ? 6.762  10.542  0.112   1.00 6.73  ? 17  VAL B CG2 1 
ATOM   112 N N   . HIS B 1 4  ? 5.558  6.070   -0.684  1.00 5.69  ? 18  HIS B N   1 
ATOM   113 C CA  . HIS B 1 4  ? 4.647  4.953   -0.934  1.00 3.94  ? 18  HIS B CA  1 
ATOM   114 C C   . HIS B 1 4  ? 4.488  4.090   0.300   1.00 4.26  ? 18  HIS B C   1 
ATOM   115 O O   . HIS B 1 4  ? 5.392  4.010   1.131   1.00 3.45  ? 18  HIS B O   1 
ATOM   116 C CB  . HIS B 1 4  ? 5.146  4.083   -2.074  1.00 4.85  ? 18  HIS B CB  1 
ATOM   117 C CG  . HIS B 1 4  ? 6.465  3.448   -1.796  1.00 9.77  ? 18  HIS B CG  1 
ATOM   118 N ND1 . HIS B 1 4  ? 6.592  2.119   -1.459  1.00 14.52 ? 18  HIS B ND1 1 
ATOM   119 C CD2 . HIS B 1 4  ? 7.716  3.964   -1.782  1.00 14.89 ? 18  HIS B CD2 1 
ATOM   120 C CE1 . HIS B 1 4  ? 7.868  1.841   -1.260  1.00 11.60 ? 18  HIS B CE1 1 
ATOM   121 N NE2 . HIS B 1 4  ? 8.570  2.943   -1.449  1.00 12.20 ? 18  HIS B NE2 1 
ATOM   122 N N   . SER B 1 5  ? 3.327  3.464   0.428   1.00 1.57  ? 19  SER B N   1 
ATOM   123 C CA  . SER B 1 5  ? 3.128  2.470   1.467   1.00 5.87  ? 19  SER B CA  1 
ATOM   124 C C   . SER B 1 5  ? 2.078  1.458   1.083   1.00 2.51  ? 19  SER B C   1 
ATOM   125 O O   . SER B 1 5  ? 1.222  1.692   0.235   1.00 3.69  ? 19  SER B O   1 
ATOM   126 C CB  . SER B 1 5  ? 2.718  3.088   2.791   1.00 12.59 ? 19  SER B CB  1 
ATOM   127 O OG  . SER B 1 5  ? 1.314  3.167   2.889   1.00 15.28 ? 19  SER B OG  1 
ATOM   128 N N   . SER B 1 6  ? 2.140  0.325   1.758   1.00 3.51  ? 20  SER B N   1 
ATOM   129 C CA  . SER B 1 6  ? 1.166  -0.706  1.530   1.00 5.22  ? 20  SER B CA  1 
ATOM   130 C C   . SER B 1 6  ? 0.973  -1.515  2.803   1.00 2.14  ? 20  SER B C   1 
ATOM   131 O O   . SER B 1 6  ? 1.847  -1.558  3.675   1.00 2.10  ? 20  SER B O   1 
ATOM   132 C CB  . SER B 1 6  ? 1.596  -1.598  0.362   1.00 8.58  ? 20  SER B CB  1 
ATOM   133 O OG  . SER B 1 6  ? 2.825  -2.243  0.623   1.00 15.03 ? 20  SER B OG  1 
ATOM   134 N N   . ASN B 1 7  ? -0.198 -2.117  2.917   1.00 2.41  ? 21  ASN B N   1 
ATOM   135 C CA  . ASN B 1 7  ? -0.534 -2.984  4.025   1.00 3.66  ? 21  ASN B CA  1 
ATOM   136 C C   . ASN B 1 7  ? -1.294 -4.148  3.459   1.00 3.41  ? 21  ASN B C   1 
ATOM   137 O O   . ASN B 1 7  ? -2.016 -3.995  2.490   1.00 4.56  ? 21  ASN B O   1 
ATOM   138 C CB  . ASN B 1 7  ? -1.388 -2.261  5.056   1.00 11.64 ? 21  ASN B CB  1 
ATOM   139 C CG  . ASN B 1 7  ? -0.830 -0.911  5.431   1.00 11.31 ? 21  ASN B CG  1 
ATOM   140 O OD1 . ASN B 1 7  ? -1.387 0.121   5.067   1.00 18.14 ? 21  ASN B OD1 1 
ATOM   141 N ND2 . ASN B 1 7  ? 0.270  -0.910  6.183   1.00 9.13  ? 21  ASN B ND2 1 
ATOM   142 N N   . ASN B 1 8  ? -1.166 -5.313  4.068   1.00 1.73  ? 22  ASN B N   1 
ATOM   143 C CA  . ASN B 1 8  ? -2.066 -6.379  3.718   1.00 2.26  ? 22  ASN B CA  1 
ATOM   144 C C   . ASN B 1 8  ? -2.185 -7.343  4.867   1.00 3.01  ? 22  ASN B C   1 
ATOM   145 O O   . ASN B 1 8  ? -1.343 -7.366  5.765   1.00 2.93  ? 22  ASN B O   1 
ATOM   146 C CB  . ASN B 1 8  ? -1.612 -7.085  2.443   1.00 7.99  ? 22  ASN B CB  1 
ATOM   147 C CG  . ASN B 1 8  ? -0.238 -7.676  2.558   1.00 8.43  ? 22  ASN B CG  1 
ATOM   148 O OD1 . ASN B 1 8  ? 0.734  -7.117  2.056   1.00 17.19 ? 22  ASN B OD1 1 
ATOM   149 N ND2 . ASN B 1 8  ? -0.145 -8.829  3.198   1.00 13.41 ? 22  ASN B ND2 1 
ATOM   150 N N   . PHE B 1 9  ? -3.273 -8.096  4.865   1.00 3.37  ? 23  PHE B N   1 
ATOM   151 C CA  . PHE B 1 9  ? -3.365 -9.238  5.734   1.00 3.19  ? 23  PHE B CA  1 
ATOM   152 C C   . PHE B 1 9  ? -4.141 -10.305 5.010   1.00 2.63  ? 23  PHE B C   1 
ATOM   153 O O   . PHE B 1 9  ? -4.874 -10.029 4.059   1.00 5.68  ? 23  PHE B O   1 
ATOM   154 C CB  . PHE B 1 9  ? -4.006 -8.900  7.096   1.00 8.34  ? 23  PHE B CB  1 
ATOM   155 C CG  . PHE B 1 9  ? -5.489 -8.623  7.044   1.00 11.99 ? 23  PHE B CG  1 
ATOM   156 C CD1 . PHE B 1 9  ? -6.414 -9.647  7.226   1.00 9.99  ? 23  PHE B CD1 1 
ATOM   157 C CD2 . PHE B 1 9  ? -5.956 -7.332  6.853   1.00 12.38 ? 23  PHE B CD2 1 
ATOM   158 C CE1 . PHE B 1 9  ? -7.773 -9.391  7.187   1.00 12.60 ? 23  PHE B CE1 1 
ATOM   159 C CE2 . PHE B 1 9  ? -7.310 -7.065  6.806   1.00 14.52 ? 23  PHE B CE2 1 
ATOM   160 C CZ  . PHE B 1 9  ? -8.218 -8.094  6.978   1.00 12.82 ? 23  PHE B CZ  1 
ATOM   161 N N   . GLY B 1 10 ? -3.958 -11.537 5.448   1.00 3.14  ? 24  GLY B N   1 
ATOM   162 C CA  . GLY B 1 10 ? -4.733 -12.624 4.884   1.00 4.90  ? 24  GLY B CA  1 
ATOM   163 C C   . GLY B 1 10 ? -4.746 -13.837 5.771   1.00 5.67  ? 24  GLY B C   1 
ATOM   164 O O   . GLY B 1 10 ? -4.090 -13.873 6.809   1.00 3.97  ? 24  GLY B O   1 
ATOM   165 N N   . ALA B 1 11 ? -5.548 -14.815 5.352   1.00 7.68  ? 25  ALA B N   1 
ATOM   166 C CA  . ALA B 1 11 ? -5.573 -16.153 5.928   1.00 6.17  ? 25  ALA B CA  1 
ATOM   167 C C   . ALA B 1 11 ? -6.198 -17.133 4.944   1.00 13.87 ? 25  ALA B C   1 
ATOM   168 O O   . ALA B 1 11 ? -6.762 -16.740 3.923   1.00 13.92 ? 25  ALA B O   1 
ATOM   169 C CB  . ALA B 1 11 ? -6.331 -16.168 7.255   1.00 5.14  ? 25  ALA B CB  1 
ATOM   170 O OXT . ALA B 1 11 ? -6.136 -18.347 5.133   1.00 12.43 ? 25  ALA B OXT 1 
HETATM 171 S S   . SCN C 2 .  ? 1.791  7.926   0.231   1.00 19.29 ? 101 SCN B S   1 
HETATM 172 C C   . SCN C 2 .  ? 1.862  7.076   1.814   1.00 13.65 ? 101 SCN B C   1 
HETATM 173 N N   . SCN C 2 .  ? 1.907  6.490   2.842   1.00 20.06 ? 101 SCN B N   1 
HETATM 174 O O   . HOH D 3 .  ? 7.539  17.374  -10.529 1.00 12.95 ? 101 HOH A O   1 
HETATM 175 O O   . HOH D 3 .  ? -3.050 -2.910  -2.956  1.00 11.85 ? 102 HOH A O   1 
HETATM 176 O O   . HOH E 3 .  ? 4.831  0.673   -0.840  1.00 10.52 ? 201 HOH B O   1 
HETATM 177 O O   . HOH E 3 .  ? -4.546 -20.397 5.785   1.00 8.46  ? 202 HOH B O   1 
HETATM 178 O O   . HOH E 3 .  ? -1.163 -5.223  7.438   1.00 12.87 ? 203 HOH B O   1 
HETATM 179 O O   . HOH E 3 .  ? 10.208 5.435   -3.262  1.00 14.49 ? 204 HOH B O   1 
# 
